data_3WNM
#
_entry.id   3WNM
#
_cell.length_a   171.576
_cell.length_b   171.576
_cell.length_c   61.299
_cell.angle_alpha   90.00
_cell.angle_beta   90.00
_cell.angle_gamma   90.00
#
_symmetry.space_group_name_H-M   'P 41 21 2'
#
loop_
_entity.id
_entity.type
_entity.pdbx_description
1 polymer 'Cycloisomaltooligosaccharide glucanotransferase'
2 branched alpha-D-glucopyranose-(1-6)-alpha-D-glucopyranose-(1-6)-alpha-D-glucopyranose-(1-6)-alpha-D-glucopyranose-(1-6)-alpha-D-glucopyranose-(1-6)-alpha-D-glucopyranose-(1-6)-beta-D-glucopyranose
3 branched alpha-D-glucopyranose-(1-6)-alpha-D-glucopyranose-(1-6)-alpha-D-glucopyranose-(1-6)-alpha-D-glucopyranose
4 non-polymer 'CALCIUM ION'
5 non-polymer 'SODIUM ION'
6 non-polymer 'SULFATE ION'
7 non-polymer '2-(N-MORPHOLINO)-ETHANESULFONIC ACID'
8 water water
#
_entity_poly.entity_id   1
_entity_poly.type   'polypeptide(L)'
_entity_poly.pdbx_seq_one_letter_code
;MGSGSGGIERVFTDKARYNPGDAVSIRVQAKNGTGSSWSGAARLEIFHLENSVYTSSQSLSLTNGQSTTLTFTWTAPSTD
FRGYFVRIDAGTLGQGATAIDVSSDFTKYPRYGYISEFESGETALESKAKVDQLAQDYHINAWQFYDWMWRHDKMIKRTG
GSIDSTWLDLFNREISWSTLQNQIDAVHDVNGKAMAYAMIYASRENYSPLGISPTWGIYEDSSHTNQFDVDFGDGSTYLY
MFDPQNPNWQNYIHAEYIDSINTAGFDGIHVAQMGQRSNVYDYNGNSIDLSTRFSPFLDQAKSVLSANNPARDNLTYNIV
DGTVNGWAVNDVSKNADLDFLYSEIWYLSDSYNQLKNYIEQLRANGGNKAVVLAAYMNYADNAGTRYEAESASMTNVSTN
TNHAGYTGSGFVDQFASTGDKVSFAINAPEAGDYSLVFRYGNNTGANSTLNLYVDGNFVQKLYFFNQSSWGTWKHDAWYQ
VPLTQGAHTVELRYESGNVGAVNLDSLTLGTFDEHSVRLADAMMSASGATHIELGDDNQMLPHEYYPNRSKTMRSSLKNA
MKDHYNFITAYENLLFDSDVVPNDTGSQFVNLTGVSASGDGSANTVWYINKRTSDYNIVHLINLLGNDNQWRNTASQPSF
QTNLPAKIYIGADETISDVYLASPDLSGGETQELAFTSGTDAGGKYVSFTVPELKYWNMIYMLEHHHHHH
;
_entity_poly.pdbx_strand_id   A
#
loop_
_chem_comp.id
_chem_comp.type
_chem_comp.name
_chem_comp.formula
BGC D-saccharide, beta linking beta-D-glucopyranose 'C6 H12 O6'
CA non-polymer 'CALCIUM ION' 'Ca 2'
GLC D-saccharide, alpha linking alpha-D-glucopyranose 'C6 H12 O6'
MES non-polymer '2-(N-MORPHOLINO)-ETHANESULFONIC ACID' 'C6 H13 N O4 S'
NA non-polymer 'SODIUM ION' 'Na 1'
SO4 non-polymer 'SULFATE ION' 'O4 S -2'
#
# COMPACT_ATOMS: atom_id res chain seq x y z
N SER A 5 -16.78 -14.92 -17.42
CA SER A 5 -15.43 -14.92 -18.07
C SER A 5 -14.46 -15.94 -17.44
N GLY A 6 -15.01 -16.90 -16.70
CA GLY A 6 -14.25 -17.73 -15.76
C GLY A 6 -13.28 -18.75 -16.35
N GLY A 7 -13.33 -18.91 -17.67
CA GLY A 7 -12.36 -19.75 -18.36
C GLY A 7 -10.97 -19.14 -18.40
N ILE A 8 -10.89 -17.82 -18.60
CA ILE A 8 -9.62 -17.11 -18.60
C ILE A 8 -9.32 -16.77 -17.15
N GLU A 9 -8.39 -17.50 -16.55
CA GLU A 9 -8.18 -17.44 -15.12
C GLU A 9 -7.16 -16.36 -14.74
N ARG A 10 -6.07 -16.28 -15.49
CA ARG A 10 -5.05 -15.27 -15.28
C ARG A 10 -4.55 -14.72 -16.61
N VAL A 11 -4.21 -13.43 -16.62
CA VAL A 11 -3.47 -12.82 -17.72
C VAL A 11 -2.36 -11.97 -17.11
N PHE A 12 -1.11 -12.20 -17.52
CA PHE A 12 0.02 -11.50 -16.90
C PHE A 12 1.27 -11.58 -17.75
N THR A 13 2.30 -10.82 -17.35
CA THR A 13 3.57 -10.80 -18.03
C THR A 13 4.74 -11.27 -17.15
N ASP A 14 5.85 -11.61 -17.79
CA ASP A 14 7.02 -12.13 -17.08
C ASP A 14 7.65 -11.10 -16.11
N LYS A 15 7.51 -9.81 -16.41
CA LYS A 15 8.17 -8.73 -15.66
C LYS A 15 7.22 -7.58 -15.32
N ALA A 16 7.65 -6.73 -14.38
CA ALA A 16 6.77 -5.66 -13.86
C ALA A 16 6.91 -4.39 -14.66
N ARG A 17 7.99 -4.32 -15.42
CA ARG A 17 8.33 -3.12 -16.19
C ARG A 17 9.28 -3.60 -17.30
N TYR A 18 9.30 -2.91 -18.43
CA TYR A 18 10.14 -3.26 -19.58
C TYR A 18 10.86 -2.03 -20.09
N ASN A 19 12.11 -2.17 -20.52
CA ASN A 19 12.72 -1.09 -21.30
C ASN A 19 12.19 -1.08 -22.72
N PRO A 20 12.21 0.09 -23.39
CA PRO A 20 11.81 0.13 -24.79
C PRO A 20 12.64 -0.88 -25.57
N GLY A 21 12.00 -1.69 -26.38
CA GLY A 21 12.72 -2.68 -27.18
C GLY A 21 12.74 -4.08 -26.60
N ASP A 22 12.36 -4.21 -25.33
CA ASP A 22 12.37 -5.51 -24.66
C ASP A 22 11.30 -6.40 -25.23
N ALA A 23 11.57 -7.69 -25.21
CA ALA A 23 10.57 -8.69 -25.53
C ALA A 23 9.67 -8.89 -24.33
N VAL A 24 8.38 -8.83 -24.56
CA VAL A 24 7.39 -8.96 -23.53
C VAL A 24 6.60 -10.23 -23.79
N SER A 25 6.62 -11.13 -22.82
CA SER A 25 5.92 -12.37 -22.94
C SER A 25 4.62 -12.29 -22.14
N ILE A 26 3.50 -12.27 -22.85
CA ILE A 26 2.17 -12.21 -22.26
C ILE A 26 1.59 -13.61 -22.11
N ARG A 27 1.23 -13.99 -20.88
CA ARG A 27 0.75 -15.32 -20.55
C ARG A 27 -0.72 -15.27 -20.31
N VAL A 28 -1.40 -16.32 -20.76
CA VAL A 28 -2.83 -16.41 -20.62
C VAL A 28 -3.13 -17.82 -20.11
N GLN A 29 -3.64 -17.89 -18.88
CA GLN A 29 -3.99 -19.16 -18.28
C GLN A 29 -5.49 -19.35 -18.43
N ALA A 30 -5.85 -20.39 -19.17
CA ALA A 30 -7.26 -20.66 -19.50
C ALA A 30 -7.60 -22.07 -19.09
N LYS A 31 -8.87 -22.27 -18.74
CA LYS A 31 -9.39 -23.56 -18.33
C LYS A 31 -10.80 -23.70 -18.86
N ASN A 32 -11.09 -24.82 -19.53
CA ASN A 32 -12.44 -25.10 -20.04
C ASN A 32 -13.37 -25.69 -18.97
N GLY A 33 -14.39 -24.92 -18.61
CA GLY A 33 -15.39 -25.37 -17.65
C GLY A 33 -16.80 -25.08 -18.15
N THR A 34 -16.95 -25.05 -19.48
CA THR A 34 -18.27 -24.86 -20.08
C THR A 34 -19.10 -26.15 -20.01
N GLY A 35 -18.45 -27.26 -19.69
CA GLY A 35 -19.12 -28.55 -19.54
C GLY A 35 -19.04 -29.42 -20.79
N SER A 36 -18.32 -28.96 -21.80
CA SER A 36 -18.15 -29.71 -23.04
C SER A 36 -17.01 -29.09 -23.83
N SER A 37 -16.42 -29.87 -24.74
CA SER A 37 -15.29 -29.38 -25.54
C SER A 37 -15.50 -27.98 -26.15
N TRP A 38 -14.43 -27.19 -26.14
CA TRP A 38 -14.45 -25.85 -26.69
C TRP A 38 -13.34 -25.73 -27.73
N SER A 39 -13.69 -25.14 -28.86
CA SER A 39 -12.72 -24.78 -29.88
C SER A 39 -13.03 -23.36 -30.33
N GLY A 40 -11.99 -22.54 -30.44
CA GLY A 40 -12.15 -21.16 -30.91
C GLY A 40 -10.81 -20.45 -30.93
N ALA A 41 -10.84 -19.13 -30.80
CA ALA A 41 -9.60 -18.33 -30.78
C ALA A 41 -9.44 -17.51 -29.50
N ALA A 42 -8.19 -17.23 -29.14
CA ALA A 42 -7.87 -16.24 -28.13
C ALA A 42 -7.28 -15.04 -28.85
N ARG A 43 -7.93 -13.91 -28.70
CA ARG A 43 -7.53 -12.71 -29.42
C ARG A 43 -6.94 -11.68 -28.44
N LEU A 44 -5.66 -11.37 -28.62
CA LEU A 44 -4.95 -10.33 -27.89
C LEU A 44 -5.12 -8.96 -28.55
N GLU A 45 -5.42 -7.94 -27.77
CA GLU A 45 -5.31 -6.54 -28.25
C GLU A 45 -4.70 -5.61 -27.19
N ILE A 46 -3.68 -4.85 -27.59
CA ILE A 46 -2.98 -3.91 -26.73
C ILE A 46 -3.34 -2.49 -27.18
N PHE A 47 -3.63 -1.63 -26.21
CA PHE A 47 -3.99 -0.23 -26.45
C PHE A 47 -3.06 0.68 -25.68
N HIS A 48 -2.74 1.84 -26.26
CA HIS A 48 -2.16 2.98 -25.55
C HIS A 48 -3.21 4.07 -25.53
N LEU A 49 -3.87 4.21 -24.38
CA LEU A 49 -4.98 5.11 -24.20
C LEU A 49 -6.09 4.67 -25.15
N GLU A 50 -6.67 5.59 -25.92
CA GLU A 50 -7.71 5.23 -26.88
C GLU A 50 -7.19 4.42 -28.09
N ASN A 51 -5.89 4.41 -28.36
CA ASN A 51 -5.36 3.84 -29.62
C ASN A 51 -4.92 2.38 -29.56
N SER A 52 -5.54 1.53 -30.38
CA SER A 52 -5.08 0.14 -30.54
C SER A 52 -3.73 0.10 -31.24
N VAL A 53 -2.77 -0.62 -30.67
CA VAL A 53 -1.40 -0.64 -31.21
C VAL A 53 -0.86 -2.03 -31.52
N TYR A 54 -1.61 -3.05 -31.14
CA TYR A 54 -1.22 -4.42 -31.49
C TYR A 54 -2.44 -5.30 -31.36
N THR A 55 -2.54 -6.25 -32.28
CA THR A 55 -3.57 -7.28 -32.25
C THR A 55 -2.98 -8.57 -32.77
N SER A 56 -3.48 -9.69 -32.26
CA SER A 56 -2.97 -11.00 -32.64
C SER A 56 -3.88 -12.09 -32.11
N SER A 57 -3.80 -13.26 -32.73
CA SER A 57 -4.71 -14.36 -32.45
C SER A 57 -4.05 -15.72 -32.47
N GLN A 58 -4.64 -16.62 -31.69
CA GLN A 58 -4.16 -17.98 -31.52
C GLN A 58 -5.38 -18.84 -31.36
N SER A 59 -5.39 -19.98 -32.05
CA SER A 59 -6.53 -20.90 -31.94
C SER A 59 -6.36 -21.66 -30.63
N LEU A 60 -7.48 -22.11 -30.09
CA LEU A 60 -7.47 -22.78 -28.82
C LEU A 60 -8.58 -23.81 -28.77
N SER A 61 -8.20 -25.05 -28.49
CA SER A 61 -9.15 -26.14 -28.28
C SER A 61 -8.85 -26.83 -26.96
N LEU A 62 -9.85 -26.97 -26.12
CA LEU A 62 -9.66 -27.61 -24.82
C LEU A 62 -10.77 -28.62 -24.54
N THR A 63 -10.40 -29.80 -24.08
CA THR A 63 -11.39 -30.79 -23.65
C THR A 63 -12.03 -30.29 -22.36
N ASN A 64 -13.27 -30.70 -22.12
CA ASN A 64 -13.96 -30.31 -20.90
C ASN A 64 -13.04 -30.52 -19.70
N GLY A 65 -12.95 -29.50 -18.84
CA GLY A 65 -12.08 -29.52 -17.67
C GLY A 65 -10.62 -29.21 -17.94
N GLN A 66 -10.22 -29.13 -19.21
CA GLN A 66 -8.81 -28.97 -19.56
C GLN A 66 -8.30 -27.53 -19.45
N SER A 67 -7.11 -27.39 -18.85
CA SER A 67 -6.41 -26.12 -18.72
C SER A 67 -5.26 -26.02 -19.68
N THR A 68 -4.85 -24.79 -19.97
CA THR A 68 -3.60 -24.51 -20.68
C THR A 68 -3.11 -23.07 -20.48
N THR A 69 -1.87 -22.82 -20.85
CA THR A 69 -1.27 -21.51 -20.78
C THR A 69 -0.74 -21.09 -22.13
N LEU A 70 -1.40 -20.12 -22.76
CA LEU A 70 -0.91 -19.54 -24.02
C LEU A 70 0.17 -18.50 -23.78
N THR A 71 1.04 -18.33 -24.75
CA THR A 71 1.94 -17.20 -24.76
C THR A 71 1.84 -16.38 -26.06
N PHE A 72 1.56 -15.09 -25.92
CA PHE A 72 1.77 -14.13 -26.99
C PHE A 72 3.05 -13.34 -26.74
N THR A 73 3.88 -13.18 -27.76
CA THR A 73 5.05 -12.29 -27.68
C THR A 73 4.79 -10.91 -28.33
N TRP A 74 5.43 -9.87 -27.79
CA TRP A 74 5.29 -8.47 -28.25
C TRP A 74 6.60 -7.75 -27.97
N THR A 75 7.02 -6.86 -28.86
CA THR A 75 8.19 -6.03 -28.61
C THR A 75 7.72 -4.71 -28.03
N ALA A 76 8.29 -4.29 -26.90
CA ALA A 76 7.91 -3.01 -26.29
C ALA A 76 8.26 -1.88 -27.26
N PRO A 77 7.29 -1.04 -27.60
CA PRO A 77 7.60 0.06 -28.51
C PRO A 77 8.67 0.99 -27.97
N SER A 78 9.28 1.74 -28.88
CA SER A 78 10.49 2.50 -28.59
C SER A 78 10.25 3.78 -27.80
N THR A 79 9.00 4.23 -27.65
CA THR A 79 8.78 5.44 -26.88
C THR A 79 8.82 5.13 -25.38
N ASP A 80 9.82 5.69 -24.71
CA ASP A 80 10.01 5.42 -23.29
C ASP A 80 8.87 6.00 -22.47
N PHE A 81 8.55 5.33 -21.37
CA PHE A 81 7.60 5.83 -20.35
C PHE A 81 6.18 5.82 -20.84
N ARG A 82 5.69 4.63 -21.13
CA ARG A 82 4.35 4.51 -21.63
C ARG A 82 3.70 3.28 -21.08
N GLY A 83 2.43 3.43 -20.75
CA GLY A 83 1.66 2.37 -20.20
C GLY A 83 0.66 1.92 -21.23
N TYR A 84 0.37 0.63 -21.19
CA TYR A 84 -0.49 -0.02 -22.14
C TYR A 84 -1.53 -0.88 -21.46
N PHE A 85 -2.74 -0.85 -21.98
CA PHE A 85 -3.79 -1.78 -21.60
C PHE A 85 -3.78 -3.03 -22.49
N VAL A 86 -4.11 -4.18 -21.91
CA VAL A 86 -4.03 -5.46 -22.59
C VAL A 86 -5.34 -6.21 -22.42
N ARG A 87 -5.98 -6.54 -23.54
CA ARG A 87 -7.24 -7.27 -23.54
C ARG A 87 -6.98 -8.66 -24.14
N ILE A 88 -7.62 -9.68 -23.57
CA ILE A 88 -7.65 -11.02 -24.15
C ILE A 88 -9.10 -11.43 -24.29
N ASP A 89 -9.53 -11.71 -25.51
CA ASP A 89 -10.90 -12.15 -25.77
C ASP A 89 -10.88 -13.60 -26.26
N ALA A 90 -11.54 -14.48 -25.53
CA ALA A 90 -11.64 -15.88 -25.91
C ALA A 90 -13.10 -16.27 -26.13
N GLY A 91 -13.92 -15.30 -26.56
CA GLY A 91 -15.29 -15.54 -26.93
C GLY A 91 -16.09 -16.07 -25.77
N THR A 92 -16.65 -17.26 -25.95
CA THR A 92 -17.57 -17.86 -24.98
C THR A 92 -16.82 -18.49 -23.81
N LEU A 93 -15.52 -18.70 -23.99
CA LEU A 93 -14.64 -19.11 -22.91
C LEU A 93 -14.40 -17.98 -21.90
N GLY A 94 -14.68 -16.74 -22.31
CA GLY A 94 -14.50 -15.59 -21.45
C GLY A 94 -13.49 -14.61 -22.00
N GLN A 95 -13.10 -13.67 -21.15
CA GLN A 95 -12.10 -12.66 -21.46
C GLN A 95 -11.25 -12.36 -20.22
N GLY A 96 -10.19 -11.59 -20.41
CA GLY A 96 -9.35 -11.14 -19.31
C GLY A 96 -8.60 -9.88 -19.70
N ALA A 97 -7.80 -9.35 -18.74
CA ALA A 97 -6.98 -8.16 -19.00
C ALA A 97 -5.74 -8.11 -18.12
N THR A 98 -4.77 -7.31 -18.56
CA THR A 98 -3.62 -6.96 -17.76
C THR A 98 -3.08 -5.64 -18.29
N ALA A 99 -1.88 -5.26 -17.88
CA ALA A 99 -1.32 -4.01 -18.35
C ALA A 99 0.16 -4.17 -18.45
N ILE A 100 0.79 -3.22 -19.12
CA ILE A 100 2.21 -3.28 -19.37
C ILE A 100 2.78 -1.88 -19.23
N ASP A 101 3.94 -1.77 -18.60
CA ASP A 101 4.61 -0.49 -18.37
C ASP A 101 5.91 -0.58 -19.12
N VAL A 102 6.17 0.38 -19.99
CA VAL A 102 7.46 0.47 -20.66
C VAL A 102 8.13 1.72 -20.13
N SER A 103 9.17 1.52 -19.32
CA SER A 103 9.86 2.58 -18.59
C SER A 103 11.25 2.07 -18.31
N SER A 104 12.25 2.87 -18.64
CA SER A 104 13.62 2.55 -18.32
C SER A 104 13.96 2.83 -16.86
N ASP A 105 13.02 3.39 -16.10
CA ASP A 105 13.31 3.89 -14.75
C ASP A 105 12.02 3.91 -13.95
N PHE A 106 11.91 3.05 -12.95
CA PHE A 106 10.68 2.93 -12.16
C PHE A 106 10.32 4.18 -11.37
N THR A 107 11.27 5.09 -11.14
CA THR A 107 11.01 6.23 -10.26
C THR A 107 10.09 7.25 -10.93
N LYS A 108 9.81 7.08 -12.22
CA LYS A 108 8.80 7.90 -12.91
C LYS A 108 7.38 7.47 -12.59
N TYR A 109 7.17 6.17 -12.54
CA TYR A 109 5.88 5.60 -12.22
C TYR A 109 6.14 4.48 -11.21
N PRO A 110 6.42 4.86 -9.96
CA PRO A 110 6.66 3.84 -8.97
C PRO A 110 5.37 3.15 -8.56
N ARG A 111 5.44 1.83 -8.44
CA ARG A 111 4.36 1.02 -7.90
C ARG A 111 5.09 0.23 -6.83
N TYR A 112 4.93 0.72 -5.60
CA TYR A 112 5.81 0.38 -4.51
C TYR A 112 5.13 -0.67 -3.63
N GLY A 113 5.83 -1.78 -3.37
CA GLY A 113 5.37 -2.80 -2.41
C GLY A 113 6.38 -2.99 -1.31
N TYR A 114 6.27 -4.04 -0.53
CA TYR A 114 7.26 -4.25 0.52
C TYR A 114 7.55 -5.69 0.77
N ILE A 115 8.70 -5.96 1.35
CA ILE A 115 9.01 -7.25 1.94
C ILE A 115 9.43 -7.00 3.38
N SER A 116 8.82 -7.72 4.33
CA SER A 116 9.12 -7.57 5.75
C SER A 116 9.45 -8.87 6.49
N GLU A 117 9.53 -9.99 5.77
CA GLU A 117 9.78 -11.29 6.41
C GLU A 117 10.92 -12.04 5.70
N PHE A 118 11.85 -12.59 6.48
CA PHE A 118 13.11 -13.11 5.95
C PHE A 118 13.49 -14.44 6.59
N GLU A 119 12.50 -15.31 6.75
CA GLU A 119 12.70 -16.57 7.45
C GLU A 119 13.71 -17.50 6.74
N SER A 120 14.50 -18.20 7.56
CA SER A 120 15.48 -19.12 7.02
C SER A 120 14.80 -20.32 6.39
N GLY A 121 13.62 -20.67 6.87
CA GLY A 121 12.84 -21.77 6.28
C GLY A 121 12.27 -21.49 4.89
N GLU A 122 12.27 -20.22 4.46
CA GLU A 122 11.76 -19.85 3.13
C GLU A 122 12.77 -20.27 2.06
N THR A 123 12.35 -21.14 1.14
CA THR A 123 13.21 -21.60 0.03
C THR A 123 13.32 -20.56 -1.07
N ALA A 124 14.34 -20.67 -1.93
CA ALA A 124 14.49 -19.75 -3.06
C ALA A 124 13.27 -19.76 -3.97
N LEU A 125 12.60 -20.91 -4.05
CA LEU A 125 11.41 -21.05 -4.86
C LEU A 125 10.25 -20.25 -4.27
N GLU A 126 10.09 -20.30 -2.96
CA GLU A 126 9.05 -19.56 -2.27
C GLU A 126 9.31 -18.03 -2.31
N SER A 127 10.56 -17.61 -2.14
CA SER A 127 10.91 -16.20 -2.28
C SER A 127 10.57 -15.71 -3.70
N LYS A 128 10.88 -16.53 -4.71
CA LYS A 128 10.53 -16.20 -6.09
C LYS A 128 9.03 -16.11 -6.29
N ALA A 129 8.28 -17.04 -5.72
CA ALA A 129 6.83 -17.03 -5.89
C ALA A 129 6.17 -15.80 -5.29
N LYS A 130 6.65 -15.31 -4.14
CA LYS A 130 5.97 -14.18 -3.51
C LYS A 130 6.27 -12.88 -4.26
N VAL A 131 7.48 -12.76 -4.77
CA VAL A 131 7.83 -11.61 -5.59
C VAL A 131 7.08 -11.69 -6.93
N ASP A 132 7.07 -12.87 -7.56
CA ASP A 132 6.35 -13.07 -8.84
C ASP A 132 4.86 -12.75 -8.74
N GLN A 133 4.23 -13.13 -7.63
CA GLN A 133 2.81 -12.86 -7.44
C GLN A 133 2.46 -11.36 -7.45
N LEU A 134 3.28 -10.56 -6.76
CA LEU A 134 3.04 -9.12 -6.73
C LEU A 134 3.41 -8.47 -8.06
N ALA A 135 4.51 -8.93 -8.65
CA ALA A 135 4.91 -8.45 -9.94
C ALA A 135 3.85 -8.75 -11.00
N GLN A 136 3.30 -9.96 -10.99
CA GLN A 136 2.33 -10.41 -12.00
C GLN A 136 0.96 -9.86 -11.80
N ASP A 137 0.48 -9.86 -10.55
CA ASP A 137 -0.87 -9.38 -10.25
C ASP A 137 -0.98 -7.84 -10.24
N TYR A 138 0.08 -7.12 -9.86
CA TYR A 138 -0.08 -5.67 -9.65
C TYR A 138 1.01 -4.84 -10.33
N HIS A 139 1.95 -5.49 -11.00
CA HIS A 139 3.03 -4.77 -11.68
C HIS A 139 3.86 -3.98 -10.67
N ILE A 140 4.00 -4.51 -9.46
CA ILE A 140 4.87 -3.87 -8.47
C ILE A 140 6.29 -3.79 -9.02
N ASN A 141 6.85 -2.59 -9.08
CA ASN A 141 8.19 -2.43 -9.68
C ASN A 141 9.30 -2.03 -8.70
N ALA A 142 8.92 -1.85 -7.45
CA ALA A 142 9.91 -1.61 -6.40
C ALA A 142 9.41 -2.19 -5.07
N TRP A 143 10.32 -2.80 -4.32
CA TRP A 143 10.00 -3.31 -3.01
C TRP A 143 10.82 -2.61 -1.92
N GLN A 144 10.12 -2.09 -0.92
CA GLN A 144 10.77 -1.63 0.30
C GLN A 144 11.05 -2.81 1.20
N PHE A 145 12.32 -3.03 1.53
CA PHE A 145 12.69 -4.09 2.43
C PHE A 145 12.68 -3.52 3.84
N TYR A 146 11.74 -3.99 4.66
CA TYR A 146 11.44 -3.42 5.98
C TYR A 146 12.02 -4.31 7.07
N ASP A 147 12.81 -3.71 7.95
CA ASP A 147 13.38 -4.41 9.12
C ASP A 147 14.16 -5.63 8.71
N TRP A 148 15.06 -5.43 7.75
CA TRP A 148 15.97 -6.46 7.27
C TRP A 148 17.28 -6.42 8.09
N MET A 149 17.57 -5.26 8.64
CA MET A 149 18.90 -4.96 9.12
C MET A 149 19.11 -5.52 10.50
N TRP A 150 20.37 -5.67 10.89
CA TRP A 150 20.65 -6.16 12.24
C TRP A 150 20.41 -5.01 13.24
N ARG A 151 21.23 -3.96 13.18
CA ARG A 151 21.00 -2.73 13.94
C ARG A 151 20.86 -1.56 13.00
N HIS A 152 20.09 -0.56 13.42
CA HIS A 152 19.93 0.67 12.64
C HIS A 152 21.26 1.34 12.30
N ASP A 153 22.30 1.09 13.07
CA ASP A 153 23.60 1.73 12.93
C ASP A 153 24.70 0.74 12.55
N LYS A 154 24.29 -0.47 12.23
CA LYS A 154 25.20 -1.56 11.92
C LYS A 154 24.35 -2.63 11.22
N MET A 155 24.11 -2.40 9.94
CA MET A 155 22.98 -3.01 9.29
C MET A 155 23.27 -4.46 8.92
N ILE A 156 24.51 -4.76 8.54
CA ILE A 156 24.86 -6.14 8.21
C ILE A 156 25.70 -6.69 9.32
N LYS A 157 25.26 -7.76 9.95
CA LYS A 157 26.00 -8.31 11.05
C LYS A 157 27.12 -9.21 10.57
N ARG A 158 28.32 -8.93 11.07
CA ARG A 158 29.54 -9.56 10.66
C ARG A 158 30.28 -10.12 11.88
N THR A 159 30.93 -11.26 11.68
CA THR A 159 31.90 -11.77 12.64
C THR A 159 33.25 -11.69 11.97
N GLY A 160 34.06 -10.73 12.39
CA GLY A 160 35.26 -10.42 11.65
C GLY A 160 34.86 -9.82 10.32
N GLY A 161 35.24 -10.48 9.23
CA GLY A 161 34.99 -9.99 7.87
C GLY A 161 33.89 -10.80 7.21
N SER A 162 33.37 -11.74 7.98
CA SER A 162 32.43 -12.72 7.53
C SER A 162 30.99 -12.33 7.87
N ILE A 163 30.14 -12.30 6.87
CA ILE A 163 28.74 -11.98 7.07
C ILE A 163 28.07 -13.13 7.79
N ASP A 164 27.39 -12.86 8.89
CA ASP A 164 26.65 -13.87 9.60
C ASP A 164 25.47 -14.38 8.76
N SER A 165 25.16 -15.68 8.86
CA SER A 165 24.18 -16.29 8.01
C SER A 165 22.75 -15.98 8.49
N THR A 166 22.62 -15.71 9.78
CA THR A 166 21.39 -15.15 10.35
C THR A 166 21.70 -14.11 11.45
N TRP A 167 20.71 -13.27 11.76
CA TRP A 167 20.81 -12.39 12.88
C TRP A 167 19.43 -12.07 13.43
N LEU A 168 19.36 -11.56 14.67
CA LEU A 168 18.09 -11.21 15.31
C LEU A 168 17.87 -9.69 15.25
N ASP A 169 16.73 -9.26 14.73
CA ASP A 169 16.42 -7.84 14.62
C ASP A 169 16.00 -7.30 16.00
N LEU A 170 15.62 -6.04 16.05
CA LEU A 170 15.32 -5.42 17.35
C LEU A 170 14.12 -6.01 18.10
N PHE A 171 13.23 -6.70 17.40
CA PHE A 171 12.12 -7.41 18.04
C PHE A 171 12.39 -8.89 18.12
N ASN A 172 13.66 -9.24 17.94
CA ASN A 172 14.14 -10.58 18.09
C ASN A 172 13.66 -11.56 17.02
N ARG A 173 13.27 -11.04 15.86
CA ARG A 173 12.97 -11.92 14.74
C ARG A 173 14.28 -12.36 14.12
N GLU A 174 14.31 -13.60 13.64
CA GLU A 174 15.45 -14.16 12.93
C GLU A 174 15.44 -13.75 11.45
N ILE A 175 16.47 -13.01 11.06
CA ILE A 175 16.65 -12.59 9.67
C ILE A 175 17.66 -13.53 9.05
N SER A 176 17.30 -14.16 7.92
CA SER A 176 18.23 -15.02 7.14
C SER A 176 18.87 -14.28 5.96
N TRP A 177 20.19 -14.26 5.93
CA TRP A 177 20.92 -13.63 4.84
C TRP A 177 20.57 -14.28 3.51
N SER A 178 20.55 -15.60 3.46
CA SER A 178 20.29 -16.29 2.19
C SER A 178 18.88 -16.00 1.69
N THR A 179 17.89 -16.01 2.59
CA THR A 179 16.53 -15.66 2.23
C THR A 179 16.45 -14.22 1.67
N LEU A 180 17.12 -13.29 2.34
CA LEU A 180 17.15 -11.90 1.86
C LEU A 180 17.79 -11.79 0.46
N GLN A 181 18.87 -12.52 0.23
CA GLN A 181 19.55 -12.47 -1.06
C GLN A 181 18.68 -13.11 -2.16
N ASN A 182 17.93 -14.15 -1.81
CA ASN A 182 17.02 -14.78 -2.74
C ASN A 182 15.90 -13.86 -3.17
N GLN A 183 15.37 -13.10 -2.20
CA GLN A 183 14.32 -12.16 -2.49
C GLN A 183 14.83 -11.02 -3.34
N ILE A 184 16.02 -10.51 -3.04
CA ILE A 184 16.60 -9.46 -3.86
C ILE A 184 16.81 -9.94 -5.30
N ASP A 185 17.36 -11.15 -5.47
CA ASP A 185 17.53 -11.78 -6.79
C ASP A 185 16.19 -11.89 -7.56
N ALA A 186 15.16 -12.36 -6.87
CA ALA A 186 13.82 -12.47 -7.44
C ALA A 186 13.24 -11.13 -7.91
N VAL A 187 13.44 -10.09 -7.09
CA VAL A 187 13.01 -8.74 -7.44
C VAL A 187 13.70 -8.31 -8.73
N HIS A 188 15.01 -8.49 -8.77
CA HIS A 188 15.76 -8.14 -9.97
C HIS A 188 15.33 -8.94 -11.21
N ASP A 189 14.86 -10.17 -11.02
CA ASP A 189 14.39 -11.00 -12.12
C ASP A 189 13.13 -10.48 -12.77
N VAL A 190 12.31 -9.71 -12.05
CA VAL A 190 11.13 -9.11 -12.65
C VAL A 190 11.37 -7.67 -13.06
N ASN A 191 12.62 -7.28 -13.16
CA ASN A 191 13.01 -5.90 -13.45
C ASN A 191 12.55 -4.95 -12.32
N GLY A 192 12.45 -5.49 -11.11
CA GLY A 192 12.14 -4.69 -9.93
C GLY A 192 13.40 -4.09 -9.30
N LYS A 193 13.20 -3.07 -8.47
CA LYS A 193 14.27 -2.54 -7.66
C LYS A 193 14.01 -2.81 -6.18
N ALA A 194 15.09 -3.04 -5.42
CA ALA A 194 15.02 -3.37 -3.99
C ALA A 194 15.54 -2.18 -3.17
N MET A 195 14.65 -1.58 -2.38
CA MET A 195 14.99 -0.40 -1.60
C MET A 195 15.21 -0.79 -0.13
N ALA A 196 16.38 -0.51 0.42
CA ALA A 196 16.67 -0.87 1.82
C ALA A 196 16.15 0.21 2.77
N TYR A 197 15.28 -0.18 3.69
CA TYR A 197 14.83 0.68 4.79
C TYR A 197 16.01 1.02 5.67
N ALA A 198 16.14 2.31 5.94
CA ALA A 198 17.14 2.81 6.86
C ALA A 198 16.66 4.13 7.43
N MET A 199 17.01 4.38 8.67
CA MET A 199 16.66 5.64 9.29
C MET A 199 17.68 6.69 8.85
N ILE A 200 17.24 7.93 8.85
CA ILE A 200 18.13 9.08 8.59
C ILE A 200 19.07 9.38 9.75
N TYR A 201 18.66 9.04 10.98
CA TYR A 201 19.31 9.58 12.19
C TYR A 201 19.28 8.70 13.43
N ALA A 202 19.11 7.39 13.25
CA ALA A 202 19.05 6.46 14.37
C ALA A 202 20.25 5.55 14.57
N SER A 203 20.71 5.47 15.82
CA SER A 203 21.50 4.37 16.29
C SER A 203 20.66 3.57 17.25
N ARG A 204 21.13 2.39 17.60
CA ARG A 204 20.51 1.60 18.62
C ARG A 204 21.22 1.93 19.93
N GLU A 205 20.76 1.31 21.02
CA GLU A 205 21.35 1.49 22.34
C GLU A 205 22.81 1.10 22.38
N ASN A 206 23.54 1.70 23.32
CA ASN A 206 24.92 1.33 23.61
C ASN A 206 25.82 1.45 22.37
N TYR A 207 25.77 2.64 21.77
CA TYR A 207 26.38 2.89 20.50
C TYR A 207 27.84 3.31 20.55
N SER A 208 28.36 3.65 21.72
CA SER A 208 29.71 4.15 21.79
C SER A 208 30.79 3.12 21.42
N PRO A 209 30.60 1.83 21.75
CA PRO A 209 31.59 0.81 21.29
C PRO A 209 31.62 0.55 19.77
N LEU A 210 30.70 1.16 19.02
CA LEU A 210 30.77 1.18 17.58
C LEU A 210 31.47 2.43 17.09
N GLY A 211 32.04 3.25 17.96
CA GLY A 211 32.71 4.46 17.57
C GLY A 211 31.82 5.64 17.22
N ILE A 212 30.52 5.52 17.46
CA ILE A 212 29.58 6.61 17.32
C ILE A 212 29.68 7.53 18.56
N SER A 213 29.66 8.85 18.36
CA SER A 213 29.83 9.79 19.47
C SER A 213 28.54 10.51 19.85
N PRO A 214 28.30 10.65 21.17
CA PRO A 214 27.14 11.43 21.59
C PRO A 214 27.19 12.87 21.09
N THR A 215 28.39 13.36 20.75
CA THR A 215 28.54 14.73 20.28
C THR A 215 27.95 14.95 18.90
N TRP A 216 27.59 13.86 18.22
CA TRP A 216 26.88 13.97 16.95
C TRP A 216 25.36 13.98 17.14
N GLY A 217 24.92 13.76 18.39
CA GLY A 217 23.50 13.60 18.72
C GLY A 217 22.66 14.85 18.68
N ILE A 218 21.34 14.67 18.63
CA ILE A 218 20.39 15.75 18.92
C ILE A 218 19.74 15.57 20.29
N TYR A 219 19.55 16.70 20.97
CA TYR A 219 19.20 16.74 22.37
C TYR A 219 17.95 17.59 22.64
N GLU A 220 17.28 17.23 23.71
CA GLU A 220 16.01 17.80 24.13
C GLU A 220 16.22 19.11 24.89
N ASP A 221 17.48 19.46 25.12
CA ASP A 221 17.82 20.63 25.92
C ASP A 221 19.18 21.10 25.47
N SER A 222 19.58 22.26 25.98
CA SER A 222 20.83 22.89 25.62
C SER A 222 22.03 22.49 26.48
N SER A 223 21.87 21.49 27.35
CA SER A 223 23.00 21.00 28.20
C SER A 223 23.42 19.56 27.86
N HIS A 224 23.11 19.13 26.64
CA HIS A 224 23.27 17.73 26.23
C HIS A 224 22.95 16.70 27.32
N THR A 225 21.84 16.92 28.00
CA THR A 225 21.41 16.01 29.06
C THR A 225 20.57 14.84 28.53
N ASN A 226 19.52 15.13 27.75
CA ASN A 226 18.66 14.04 27.23
C ASN A 226 18.66 14.01 25.68
N GLN A 227 19.31 12.99 25.14
CA GLN A 227 19.32 12.77 23.70
C GLN A 227 17.94 12.29 23.26
N PHE A 228 17.38 12.87 22.22
CA PHE A 228 16.10 12.35 21.70
C PHE A 228 16.24 10.86 21.47
N ASP A 229 15.21 10.11 21.87
CA ASP A 229 15.22 8.67 21.76
C ASP A 229 13.85 8.11 21.34
N VAL A 230 13.81 6.80 21.17
CA VAL A 230 12.60 6.05 20.88
C VAL A 230 12.71 4.87 21.82
N ASP A 231 11.65 4.67 22.59
CA ASP A 231 11.68 3.78 23.73
C ASP A 231 10.77 2.63 23.37
N PHE A 232 11.30 1.44 23.16
CA PHE A 232 10.45 0.32 22.74
C PHE A 232 9.76 -0.39 23.90
N GLY A 233 9.95 0.11 25.13
CA GLY A 233 9.18 -0.35 26.29
C GLY A 233 9.68 -1.56 27.08
N ASP A 234 10.85 -2.09 26.77
CA ASP A 234 11.40 -3.24 27.51
C ASP A 234 12.57 -2.84 28.40
N GLY A 235 12.81 -1.54 28.59
CA GLY A 235 13.98 -1.08 29.37
C GLY A 235 15.39 -1.33 28.84
N SER A 236 15.53 -1.86 27.60
CA SER A 236 16.86 -2.05 26.98
C SER A 236 16.96 -1.49 25.57
N THR A 237 15.97 -1.83 24.76
CA THR A 237 15.94 -1.53 23.36
C THR A 237 15.49 -0.12 23.07
N TYR A 238 16.38 0.67 22.47
CA TYR A 238 16.07 2.05 22.06
C TYR A 238 16.67 2.39 20.71
N LEU A 239 16.11 3.41 20.06
CA LEU A 239 16.85 4.21 19.12
C LEU A 239 17.30 5.53 19.77
N TYR A 240 18.48 6.02 19.39
CA TYR A 240 18.89 7.38 19.74
C TYR A 240 19.02 8.19 18.47
N MET A 241 18.71 9.47 18.55
CA MET A 241 18.62 10.29 17.37
C MET A 241 19.82 11.21 17.24
N PHE A 242 20.21 11.46 15.98
CA PHE A 242 21.40 12.21 15.68
C PHE A 242 21.10 13.36 14.74
N ASP A 243 22.06 14.27 14.61
CA ASP A 243 21.87 15.46 13.77
C ASP A 243 22.16 15.11 12.30
N PRO A 244 21.13 15.14 11.45
CA PRO A 244 21.36 14.85 10.04
C PRO A 244 22.36 15.79 9.34
N GLN A 245 22.54 17.01 9.85
CA GLN A 245 23.54 17.94 9.29
C GLN A 245 24.94 17.75 9.84
N ASN A 246 25.10 16.89 10.83
CA ASN A 246 26.41 16.64 11.36
C ASN A 246 27.27 15.86 10.32
N PRO A 247 28.48 16.36 10.02
CA PRO A 247 29.31 15.72 9.00
C PRO A 247 29.87 14.37 9.43
N ASN A 248 30.07 14.18 10.72
CA ASN A 248 30.52 12.89 11.22
C ASN A 248 29.43 11.82 11.20
N TRP A 249 28.22 12.17 11.61
CA TRP A 249 27.12 11.24 11.50
C TRP A 249 26.79 10.92 10.03
N GLN A 250 26.79 11.92 9.16
CA GLN A 250 26.70 11.66 7.74
C GLN A 250 27.78 10.68 7.29
N ASN A 251 29.03 10.93 7.64
CA ASN A 251 30.13 10.01 7.29
C ASN A 251 29.81 8.55 7.70
N TYR A 252 29.43 8.38 8.97
CA TYR A 252 29.13 7.10 9.56
C TYR A 252 28.02 6.41 8.84
N ILE A 253 26.89 7.08 8.65
CA ILE A 253 25.66 6.36 8.28
C ILE A 253 25.57 6.27 6.77
N HIS A 254 26.14 7.23 6.05
CA HIS A 254 26.27 7.08 4.62
C HIS A 254 27.18 5.90 4.26
N ALA A 255 28.23 5.66 5.04
CA ALA A 255 29.05 4.46 4.82
C ALA A 255 28.25 3.17 5.02
N GLU A 256 27.34 3.14 6.00
CA GLU A 256 26.46 1.96 6.18
C GLU A 256 25.51 1.80 5.01
N TYR A 257 25.03 2.92 4.48
CA TYR A 257 24.14 2.87 3.30
C TYR A 257 24.87 2.23 2.11
N ILE A 258 26.10 2.69 1.89
CA ILE A 258 26.96 2.18 0.84
C ILE A 258 27.27 0.71 1.02
N ASP A 259 27.60 0.30 2.25
CA ASP A 259 27.84 -1.09 2.57
C ASP A 259 26.63 -1.93 2.19
N SER A 260 25.43 -1.43 2.50
CA SER A 260 24.18 -2.13 2.19
C SER A 260 23.95 -2.32 0.68
N ILE A 261 24.21 -1.28 -0.09
CA ILE A 261 24.15 -1.35 -1.53
C ILE A 261 25.18 -2.39 -2.03
N ASN A 262 26.45 -2.18 -1.70
CA ASN A 262 27.52 -2.98 -2.30
C ASN A 262 27.57 -4.42 -1.82
N THR A 263 27.22 -4.67 -0.56
CA THR A 263 27.29 -6.01 0.02
C THR A 263 26.02 -6.79 -0.15
N ALA A 264 24.88 -6.17 0.09
CA ALA A 264 23.61 -6.88 -0.02
C ALA A 264 23.02 -6.81 -1.43
N GLY A 265 23.43 -5.82 -2.22
CA GLY A 265 22.90 -5.68 -3.58
C GLY A 265 21.61 -4.89 -3.72
N PHE A 266 21.26 -4.07 -2.72
CA PHE A 266 20.13 -3.15 -2.88
C PHE A 266 20.34 -2.17 -4.03
N ASP A 267 19.23 -1.59 -4.51
CA ASP A 267 19.24 -0.58 -5.57
C ASP A 267 19.04 0.84 -5.10
N GLY A 268 18.93 1.02 -3.79
CA GLY A 268 18.77 2.34 -3.20
C GLY A 268 18.38 2.22 -1.73
N ILE A 269 18.12 3.37 -1.11
CA ILE A 269 17.82 3.46 0.30
C ILE A 269 16.49 4.17 0.46
N HIS A 270 15.57 3.52 1.17
CA HIS A 270 14.35 4.18 1.62
C HIS A 270 14.62 4.83 2.98
N VAL A 271 14.79 6.15 2.99
CA VAL A 271 15.21 6.82 4.22
C VAL A 271 13.98 7.17 5.07
N ALA A 272 13.94 6.59 6.25
CA ALA A 272 12.86 6.84 7.21
C ALA A 272 13.22 7.91 8.26
N GLN A 273 12.18 8.32 9.01
CA GLN A 273 12.31 9.19 10.18
C GLN A 273 11.11 8.97 11.14
N MET A 274 11.17 9.59 12.32
CA MET A 274 10.09 9.45 13.32
C MET A 274 9.07 10.59 13.24
N GLY A 275 9.40 11.68 12.57
CA GLY A 275 8.47 12.79 12.46
C GLY A 275 8.79 13.92 13.43
N GLN A 276 7.85 14.86 13.52
CA GLN A 276 8.10 16.14 14.19
C GLN A 276 8.64 15.98 15.58
N ARG A 277 9.75 16.68 15.84
CA ARG A 277 10.28 16.88 17.18
C ARG A 277 10.54 18.37 17.35
N SER A 278 10.26 18.89 18.53
CA SER A 278 10.34 20.35 18.75
C SER A 278 11.38 20.71 19.77
N ASN A 279 11.83 21.96 19.71
CA ASN A 279 12.82 22.46 20.66
C ASN A 279 14.07 21.54 20.69
N VAL A 280 14.74 21.48 19.54
CA VAL A 280 15.87 20.57 19.37
C VAL A 280 17.17 21.32 19.52
N TYR A 281 18.15 20.66 20.12
CA TYR A 281 19.49 21.22 20.22
C TYR A 281 20.57 20.22 19.78
N ASP A 282 21.69 20.75 19.25
CA ASP A 282 22.90 19.96 19.08
C ASP A 282 23.58 19.75 20.42
N TYR A 283 24.67 18.99 20.41
CA TYR A 283 25.35 18.67 21.64
C TYR A 283 25.85 19.94 22.33
N ASN A 284 26.32 20.92 21.56
CA ASN A 284 26.91 22.13 22.16
C ASN A 284 25.87 23.17 22.60
N GLY A 285 24.59 22.84 22.47
CA GLY A 285 23.54 23.62 23.04
C GLY A 285 23.03 24.71 22.14
N ASN A 286 23.36 24.64 20.86
CA ASN A 286 22.77 25.54 19.86
C ASN A 286 21.36 25.05 19.49
N SER A 287 20.42 25.99 19.45
CA SER A 287 19.06 25.70 19.08
C SER A 287 19.01 25.43 17.59
N ILE A 288 18.39 24.32 17.19
CA ILE A 288 18.34 24.02 15.75
C ILE A 288 16.94 23.63 15.28
N ASP A 289 16.57 24.06 14.08
CA ASP A 289 15.29 23.65 13.47
C ASP A 289 15.50 22.34 12.69
N LEU A 290 15.07 21.25 13.30
CA LEU A 290 15.31 19.94 12.73
C LEU A 290 14.68 19.81 11.34
N SER A 291 13.61 20.55 11.08
CA SER A 291 12.81 20.35 9.89
C SER A 291 13.51 20.71 8.61
N THR A 292 14.58 21.52 8.70
CA THR A 292 15.33 21.96 7.53
C THR A 292 16.67 21.22 7.41
N ARG A 293 16.87 20.19 8.24
CA ARG A 293 18.14 19.51 8.29
C ARG A 293 18.23 18.21 7.51
N PHE A 294 17.10 17.80 6.94
CA PHE A 294 17.03 16.56 6.20
C PHE A 294 17.57 16.74 4.79
N SER A 295 17.21 17.85 4.16
CA SER A 295 17.60 18.10 2.80
C SER A 295 19.11 18.08 2.52
N PRO A 296 19.91 18.75 3.35
CA PRO A 296 21.38 18.63 3.18
C PRO A 296 21.88 17.20 3.35
N PHE A 297 21.31 16.45 4.29
CA PHE A 297 21.70 15.07 4.49
C PHE A 297 21.38 14.28 3.22
N LEU A 298 20.18 14.46 2.69
CA LEU A 298 19.72 13.69 1.58
C LEU A 298 20.47 14.01 0.27
N ASP A 299 20.78 15.29 0.07
CA ASP A 299 21.59 15.73 -1.06
C ASP A 299 22.99 15.10 -1.02
N GLN A 300 23.57 15.05 0.16
CA GLN A 300 24.86 14.44 0.31
C GLN A 300 24.78 12.92 0.10
N ALA A 301 23.75 12.30 0.66
CA ALA A 301 23.54 10.87 0.46
C ALA A 301 23.40 10.54 -1.03
N LYS A 302 22.61 11.32 -1.76
CA LYS A 302 22.44 11.11 -3.19
C LYS A 302 23.79 11.23 -3.91
N SER A 303 24.61 12.18 -3.49
CA SER A 303 25.91 12.39 -4.10
C SER A 303 26.80 11.15 -3.91
N VAL A 304 26.91 10.59 -2.70
CA VAL A 304 27.80 9.47 -2.54
C VAL A 304 27.22 8.18 -3.16
N LEU A 305 25.90 8.02 -3.13
CA LEU A 305 25.25 6.92 -3.81
C LEU A 305 25.48 6.96 -5.34
N SER A 306 25.33 8.14 -5.95
CA SER A 306 25.48 8.29 -7.39
C SER A 306 26.92 8.11 -7.81
N ALA A 307 27.86 8.57 -6.98
CA ALA A 307 29.27 8.35 -7.21
C ALA A 307 29.65 6.88 -7.08
N ASN A 308 29.03 6.16 -6.14
CA ASN A 308 29.35 4.77 -5.93
C ASN A 308 28.85 3.90 -7.09
N ASN A 309 27.63 4.14 -7.53
CA ASN A 309 26.98 3.32 -8.51
C ASN A 309 25.70 3.98 -9.03
N PRO A 310 25.78 4.59 -10.24
CA PRO A 310 24.67 5.30 -10.87
C PRO A 310 23.43 4.44 -11.12
N ALA A 311 23.59 3.12 -11.15
CA ALA A 311 22.46 2.19 -11.31
C ALA A 311 21.82 1.79 -9.99
N ARG A 312 22.47 2.09 -8.87
CA ARG A 312 21.93 1.67 -7.57
C ARG A 312 21.98 2.84 -6.59
N ASP A 313 21.45 3.97 -7.04
CA ASP A 313 21.54 5.19 -6.29
C ASP A 313 20.18 5.77 -6.00
N ASN A 314 19.16 4.94 -6.05
CA ASN A 314 17.81 5.41 -5.78
C ASN A 314 17.61 5.88 -4.32
N LEU A 315 16.84 6.95 -4.15
CA LEU A 315 16.66 7.54 -2.85
C LEU A 315 15.28 8.17 -2.70
N THR A 316 14.58 7.77 -1.65
CA THR A 316 13.44 8.55 -1.17
C THR A 316 13.58 8.77 0.35
N TYR A 317 12.64 9.57 0.89
CA TYR A 317 12.63 9.98 2.30
C TYR A 317 11.21 10.09 2.78
N ASN A 318 10.91 9.50 3.93
CA ASN A 318 9.56 9.58 4.47
C ASN A 318 9.22 10.94 5.10
N ILE A 319 8.35 11.68 4.42
CA ILE A 319 7.73 12.85 5.05
C ILE A 319 6.57 12.36 5.95
N VAL A 320 6.87 12.22 7.23
CA VAL A 320 5.92 11.68 8.21
C VAL A 320 4.89 12.72 8.60
N ASP A 321 3.62 12.30 8.65
CA ASP A 321 2.48 13.16 9.08
C ASP A 321 2.09 14.20 8.02
N GLY A 322 1.91 13.72 6.80
CA GLY A 322 1.69 14.57 5.67
C GLY A 322 0.38 15.33 5.71
N THR A 323 0.49 16.61 5.37
CA THR A 323 -0.62 17.54 5.22
C THR A 323 -0.08 18.79 4.53
N VAL A 324 -0.98 19.58 3.92
CA VAL A 324 -0.59 20.84 3.28
C VAL A 324 0.26 21.65 4.25
N ASN A 325 1.43 22.12 3.78
CA ASN A 325 2.41 22.86 4.63
C ASN A 325 2.80 22.21 5.97
N GLY A 326 2.73 20.88 6.01
CA GLY A 326 3.10 20.14 7.21
C GLY A 326 4.56 20.24 7.54
N TRP A 327 4.94 19.64 8.65
CA TRP A 327 6.30 19.72 9.14
C TRP A 327 7.32 19.08 8.15
N ALA A 328 8.31 19.87 7.71
CA ALA A 328 9.34 19.43 6.77
C ALA A 328 8.82 19.25 5.35
N VAL A 329 7.52 19.48 5.14
CA VAL A 329 6.91 19.23 3.83
C VAL A 329 7.53 20.07 2.73
N ASN A 330 7.58 21.38 2.95
CA ASN A 330 8.07 22.25 1.91
C ASN A 330 9.57 22.11 1.69
N ASP A 331 10.34 22.01 2.77
CA ASP A 331 11.78 21.93 2.63
C ASP A 331 12.23 20.67 1.92
N VAL A 332 11.65 19.53 2.29
CA VAL A 332 11.99 18.27 1.66
C VAL A 332 11.52 18.24 0.21
N SER A 333 10.22 18.45 -0.01
CA SER A 333 9.66 18.32 -1.35
C SER A 333 10.24 19.33 -2.35
N LYS A 334 10.72 20.46 -1.84
CA LYS A 334 11.26 21.46 -2.73
C LYS A 334 12.76 21.35 -2.91
N ASN A 335 13.48 20.94 -1.88
CA ASN A 335 14.94 21.08 -1.92
C ASN A 335 15.75 19.81 -1.94
N ALA A 336 15.17 18.68 -1.53
CA ALA A 336 15.94 17.42 -1.39
C ALA A 336 16.08 16.70 -2.74
N ASP A 337 17.28 16.19 -3.03
CA ASP A 337 17.55 15.46 -4.28
CA ASP A 337 17.55 15.47 -4.29
C ASP A 337 17.07 14.01 -4.22
N LEU A 338 15.76 13.83 -4.27
CA LEU A 338 15.14 12.52 -4.15
C LEU A 338 14.59 12.11 -5.50
N ASP A 339 14.52 10.82 -5.77
CA ASP A 339 14.03 10.33 -7.05
C ASP A 339 12.52 10.38 -7.11
N PHE A 340 11.87 10.07 -6.00
CA PHE A 340 10.42 10.28 -5.89
C PHE A 340 10.13 10.69 -4.46
N LEU A 341 8.91 11.21 -4.22
CA LEU A 341 8.50 11.63 -2.90
C LEU A 341 7.63 10.56 -2.23
N TYR A 342 7.81 10.44 -0.93
CA TYR A 342 7.07 9.49 -0.08
C TYR A 342 6.59 10.20 1.19
N SER A 343 5.36 9.95 1.56
CA SER A 343 4.80 10.54 2.78
C SER A 343 3.81 9.61 3.49
N GLU A 344 3.99 9.48 4.80
CA GLU A 344 3.10 8.69 5.66
C GLU A 344 2.03 9.64 6.26
N ILE A 345 0.78 9.34 5.99
CA ILE A 345 -0.33 10.19 6.38
C ILE A 345 -0.88 9.76 7.73
N TRP A 346 -1.03 10.70 8.66
CA TRP A 346 -1.62 10.39 9.94
C TRP A 346 -2.95 11.10 10.02
N TYR A 347 -3.10 12.08 10.91
CA TYR A 347 -4.44 12.61 11.18
C TYR A 347 -4.63 14.04 10.76
N LEU A 348 -3.74 14.58 9.92
CA LEU A 348 -3.87 15.98 9.49
C LEU A 348 -4.39 16.19 8.06
N SER A 349 -4.82 15.12 7.40
CA SER A 349 -5.46 15.23 6.09
C SER A 349 -6.57 14.18 6.00
N ASP A 350 -7.52 14.25 6.95
CA ASP A 350 -8.47 13.17 7.18
C ASP A 350 -9.54 13.04 6.13
N SER A 351 -9.88 14.13 5.45
CA SER A 351 -10.90 14.10 4.40
C SER A 351 -10.26 13.80 3.04
N TYR A 352 -11.07 13.32 2.09
CA TYR A 352 -10.60 13.03 0.75
C TYR A 352 -9.97 14.29 0.10
N ASN A 353 -10.60 15.42 0.35
CA ASN A 353 -10.22 16.69 -0.27
C ASN A 353 -8.92 17.25 0.28
N GLN A 354 -8.75 17.17 1.59
CA GLN A 354 -7.49 17.55 2.25
C GLN A 354 -6.34 16.68 1.74
N LEU A 355 -6.58 15.40 1.58
CA LEU A 355 -5.49 14.55 1.17
C LEU A 355 -5.18 14.82 -0.31
N LYS A 356 -6.21 15.13 -1.11
CA LYS A 356 -6.01 15.51 -2.50
C LYS A 356 -5.15 16.74 -2.56
N ASN A 357 -5.50 17.77 -1.78
CA ASN A 357 -4.73 19.01 -1.80
C ASN A 357 -3.27 18.80 -1.38
N TYR A 358 -3.01 17.81 -0.52
CA TYR A 358 -1.63 17.56 -0.04
C TYR A 358 -0.80 16.91 -1.18
N ILE A 359 -1.37 15.91 -1.82
CA ILE A 359 -0.73 15.28 -2.96
C ILE A 359 -0.39 16.36 -4.00
N GLU A 360 -1.38 17.21 -4.28
CA GLU A 360 -1.20 18.31 -5.24
C GLU A 360 -0.05 19.21 -4.89
N GLN A 361 0.08 19.53 -3.60
CA GLN A 361 1.22 20.31 -3.15
C GLN A 361 2.52 19.57 -3.37
N LEU A 362 2.55 18.27 -3.09
CA LEU A 362 3.79 17.53 -3.26
C LEU A 362 4.17 17.52 -4.75
N ARG A 363 3.19 17.28 -5.62
CA ARG A 363 3.40 17.29 -7.07
C ARG A 363 3.94 18.63 -7.53
N ALA A 364 3.35 19.73 -7.06
CA ALA A 364 3.82 21.06 -7.46
C ALA A 364 5.21 21.39 -6.90
N ASN A 365 5.42 21.17 -5.61
CA ASN A 365 6.74 21.42 -5.01
C ASN A 365 7.89 20.62 -5.64
N GLY A 366 7.61 19.38 -6.03
CA GLY A 366 8.65 18.49 -6.54
C GLY A 366 8.90 18.55 -8.03
N GLY A 367 8.18 19.43 -8.74
CA GLY A 367 8.31 19.53 -10.20
C GLY A 367 7.68 18.33 -10.85
N ASN A 368 6.54 17.92 -10.31
CA ASN A 368 5.85 16.70 -10.72
C ASN A 368 6.74 15.43 -10.73
N LYS A 369 7.64 15.30 -9.74
CA LYS A 369 8.13 13.98 -9.32
C LYS A 369 6.95 13.08 -8.90
N ALA A 370 7.17 11.77 -8.92
CA ALA A 370 6.17 10.82 -8.47
C ALA A 370 5.98 10.95 -6.97
N VAL A 371 4.75 10.67 -6.53
CA VAL A 371 4.43 10.75 -5.11
C VAL A 371 3.82 9.42 -4.65
N VAL A 372 4.39 8.84 -3.60
CA VAL A 372 3.85 7.61 -3.00
C VAL A 372 3.42 7.89 -1.58
N LEU A 373 2.20 7.46 -1.24
CA LEU A 373 1.73 7.63 0.13
C LEU A 373 1.66 6.31 0.86
N ALA A 374 2.06 6.33 2.14
CA ALA A 374 1.75 5.25 3.07
C ALA A 374 0.58 5.77 3.89
N ALA A 375 -0.52 5.04 3.86
CA ALA A 375 -1.79 5.53 4.35
C ALA A 375 -2.61 4.31 4.72
N TYR A 376 -2.37 3.85 5.93
CA TYR A 376 -2.84 2.52 6.37
C TYR A 376 -4.35 2.48 6.50
N MET A 377 -4.98 1.73 5.61
CA MET A 377 -6.42 1.67 5.52
C MET A 377 -7.07 0.97 6.69
N ASN A 378 -8.18 1.53 7.16
CA ASN A 378 -9.00 0.94 8.24
C ASN A 378 -8.24 0.83 9.56
N TYR A 379 -7.24 1.68 9.72
CA TYR A 379 -6.25 1.57 10.80
C TYR A 379 -6.86 1.49 12.19
N ALA A 380 -7.85 2.32 12.45
CA ALA A 380 -8.50 2.41 13.75
C ALA A 380 -9.71 1.47 13.85
N ASP A 381 -10.09 0.82 12.75
CA ASP A 381 -11.32 0.04 12.72
C ASP A 381 -11.09 -1.43 12.92
N ASN A 382 -11.92 -2.02 13.77
CA ASN A 382 -11.96 -3.47 13.96
C ASN A 382 -12.86 -4.00 12.84
N ALA A 383 -12.38 -3.88 11.60
CA ALA A 383 -13.17 -4.26 10.44
C ALA A 383 -13.16 -5.79 10.23
N GLY A 384 -14.31 -6.33 9.83
CA GLY A 384 -14.41 -7.75 9.49
C GLY A 384 -15.62 -8.40 10.12
N THR A 385 -15.75 -9.71 9.92
CA THR A 385 -16.86 -10.47 10.45
C THR A 385 -16.70 -10.72 11.95
N ARG A 386 -17.69 -10.31 12.72
CA ARG A 386 -17.62 -10.32 14.17
C ARG A 386 -18.39 -11.48 14.81
N TYR A 387 -17.74 -12.16 15.74
CA TYR A 387 -18.34 -13.18 16.60
C TYR A 387 -18.27 -12.69 18.04
N GLU A 388 -19.43 -12.37 18.61
CA GLU A 388 -19.50 -11.87 19.98
C GLU A 388 -19.09 -12.94 20.97
N ALA A 389 -18.24 -12.56 21.93
CA ALA A 389 -17.70 -13.50 22.92
C ALA A 389 -18.84 -14.11 23.79
N GLU A 390 -19.81 -13.27 24.11
CA GLU A 390 -20.97 -13.68 24.87
C GLU A 390 -21.86 -14.68 24.13
N SER A 391 -21.68 -14.83 22.82
CA SER A 391 -22.44 -15.81 22.04
C SER A 391 -21.64 -17.07 21.76
N ALA A 392 -20.42 -17.14 22.27
CA ALA A 392 -19.54 -18.28 22.10
C ALA A 392 -19.80 -19.36 23.18
N SER A 393 -19.00 -20.41 23.18
CA SER A 393 -19.05 -21.46 24.19
C SER A 393 -17.96 -21.26 25.23
N MET A 394 -18.36 -20.85 26.42
CA MET A 394 -17.39 -20.48 27.43
C MET A 394 -17.42 -21.41 28.65
N THR A 395 -16.25 -21.69 29.20
CA THR A 395 -16.08 -22.61 30.31
C THR A 395 -15.44 -21.89 31.49
N ASN A 396 -16.07 -21.98 32.66
CA ASN A 396 -15.63 -21.36 33.92
C ASN A 396 -15.52 -19.85 33.95
N VAL A 397 -16.13 -19.23 32.95
CA VAL A 397 -16.29 -17.80 32.91
C VAL A 397 -17.70 -17.61 32.43
N SER A 398 -18.27 -16.45 32.75
CA SER A 398 -19.61 -16.10 32.35
C SER A 398 -19.63 -14.65 31.88
N THR A 399 -20.79 -14.22 31.40
CA THR A 399 -20.90 -12.92 30.74
C THR A 399 -21.21 -11.80 31.71
N ASN A 400 -21.00 -10.57 31.24
CA ASN A 400 -21.32 -9.41 32.01
C ASN A 400 -21.57 -8.20 31.11
N THR A 401 -21.98 -7.11 31.72
CA THR A 401 -22.33 -5.88 31.03
C THR A 401 -21.87 -4.66 31.83
N ASN A 402 -20.98 -4.84 32.80
CA ASN A 402 -20.73 -3.82 33.83
C ASN A 402 -19.51 -2.93 33.60
N HIS A 403 -19.12 -2.75 32.33
CA HIS A 403 -18.15 -1.73 31.91
C HIS A 403 -18.58 -1.34 30.50
N ALA A 404 -18.77 -0.05 30.25
CA ALA A 404 -19.35 0.40 28.98
C ALA A 404 -18.36 0.31 27.84
N GLY A 405 -18.89 0.30 26.61
CA GLY A 405 -18.08 0.33 25.41
C GLY A 405 -17.94 -1.00 24.70
N TYR A 406 -18.60 -2.04 25.21
CA TYR A 406 -18.61 -3.36 24.58
C TYR A 406 -19.56 -3.34 23.41
N THR A 407 -19.30 -4.19 22.42
CA THR A 407 -20.21 -4.43 21.34
C THR A 407 -21.14 -5.59 21.72
N GLY A 408 -22.30 -5.64 21.06
CA GLY A 408 -23.27 -6.71 21.29
C GLY A 408 -23.95 -6.54 22.63
N SER A 409 -24.26 -7.65 23.28
CA SER A 409 -25.09 -7.63 24.48
C SER A 409 -24.26 -7.67 25.75
N GLY A 410 -22.94 -7.77 25.60
CA GLY A 410 -22.03 -7.69 26.74
C GLY A 410 -20.66 -8.24 26.39
N PHE A 411 -20.02 -8.89 27.37
CA PHE A 411 -18.70 -9.45 27.19
C PHE A 411 -18.45 -10.58 28.19
N VAL A 412 -17.31 -11.25 28.05
CA VAL A 412 -16.92 -12.28 28.97
C VAL A 412 -15.90 -11.72 29.96
N ASP A 413 -16.15 -11.89 31.25
CA ASP A 413 -15.28 -11.32 32.28
C ASP A 413 -14.51 -12.38 33.06
N GLN A 414 -13.61 -11.90 33.93
CA GLN A 414 -12.91 -12.75 34.87
C GLN A 414 -12.25 -13.92 34.17
N PHE A 415 -11.68 -13.67 33.00
CA PHE A 415 -10.99 -14.70 32.28
C PHE A 415 -9.57 -14.70 32.87
N ALA A 416 -9.40 -15.43 33.98
CA ALA A 416 -8.27 -15.22 34.88
C ALA A 416 -7.63 -16.46 35.52
N SER A 417 -8.05 -17.69 35.21
CA SER A 417 -7.42 -18.88 35.81
C SER A 417 -7.44 -20.15 34.96
N THR A 418 -6.54 -21.08 35.29
CA THR A 418 -6.42 -22.36 34.60
C THR A 418 -7.76 -23.03 34.50
N GLY A 419 -8.07 -23.60 33.33
CA GLY A 419 -9.38 -24.19 33.05
C GLY A 419 -10.39 -23.24 32.41
N ASP A 420 -10.15 -21.93 32.45
CA ASP A 420 -11.04 -20.98 31.77
C ASP A 420 -10.88 -21.09 30.25
N LYS A 421 -11.97 -20.92 29.52
CA LYS A 421 -11.94 -21.08 28.06
C LYS A 421 -13.06 -20.35 27.39
N VAL A 422 -12.80 -19.91 26.16
CA VAL A 422 -13.82 -19.39 25.29
C VAL A 422 -13.56 -19.95 23.91
N SER A 423 -14.59 -20.56 23.34
CA SER A 423 -14.47 -21.26 22.06
C SER A 423 -15.47 -20.65 21.09
N PHE A 424 -14.96 -20.20 19.94
CA PHE A 424 -15.79 -19.57 18.90
C PHE A 424 -15.93 -20.54 17.75
N ALA A 425 -17.14 -20.65 17.21
CA ALA A 425 -17.42 -21.50 16.07
C ALA A 425 -17.53 -20.57 14.89
N ILE A 426 -16.54 -20.62 14.01
CA ILE A 426 -16.47 -19.68 12.90
C ILE A 426 -16.58 -20.42 11.58
N ASN A 427 -16.86 -19.66 10.55
CA ASN A 427 -16.86 -20.17 9.20
C ASN A 427 -15.92 -19.32 8.32
N ALA A 428 -15.02 -19.99 7.59
CA ALA A 428 -14.22 -19.36 6.57
C ALA A 428 -14.95 -19.49 5.24
N PRO A 429 -15.47 -18.38 4.69
CA PRO A 429 -16.15 -18.55 3.39
C PRO A 429 -15.25 -18.99 2.24
N GLU A 430 -13.94 -18.88 2.37
CA GLU A 430 -13.02 -19.34 1.33
C GLU A 430 -11.71 -19.77 1.97
N ALA A 431 -10.96 -20.66 1.32
CA ALA A 431 -9.65 -21.03 1.83
C ALA A 431 -8.77 -19.80 1.82
N GLY A 432 -7.82 -19.75 2.76
CA GLY A 432 -6.84 -18.67 2.81
C GLY A 432 -6.49 -18.24 4.22
N ASP A 433 -5.77 -17.13 4.32
CA ASP A 433 -5.35 -16.58 5.60
C ASP A 433 -6.47 -15.81 6.28
N TYR A 434 -6.55 -15.96 7.60
CA TYR A 434 -7.53 -15.22 8.41
C TYR A 434 -6.83 -14.60 9.59
N SER A 435 -7.04 -13.30 9.76
CA SER A 435 -6.52 -12.57 10.90
C SER A 435 -7.53 -12.73 12.02
N LEU A 436 -7.12 -13.36 13.11
CA LEU A 436 -8.02 -13.57 14.24
C LEU A 436 -7.77 -12.46 15.25
N VAL A 437 -8.75 -11.59 15.43
CA VAL A 437 -8.58 -10.37 16.18
C VAL A 437 -9.55 -10.34 17.36
N PHE A 438 -8.99 -10.14 18.53
CA PHE A 438 -9.75 -10.13 19.75
C PHE A 438 -9.81 -8.72 20.33
N ARG A 439 -11.03 -8.27 20.58
CA ARG A 439 -11.27 -7.05 21.29
C ARG A 439 -11.40 -7.41 22.76
N TYR A 440 -10.62 -6.74 23.59
CA TYR A 440 -10.46 -7.09 24.98
C TYR A 440 -10.27 -5.86 25.89
N GLY A 441 -10.43 -6.10 27.19
CA GLY A 441 -10.06 -5.18 28.26
C GLY A 441 -9.03 -5.87 29.16
N ASN A 442 -8.09 -5.12 29.72
CA ASN A 442 -7.09 -5.60 30.66
C ASN A 442 -6.61 -4.42 31.51
N ASN A 443 -7.00 -4.40 32.80
CA ASN A 443 -6.53 -3.39 33.75
C ASN A 443 -5.96 -4.09 34.97
N THR A 444 -5.21 -5.16 34.74
CA THR A 444 -4.59 -5.87 35.84
C THR A 444 -3.34 -5.17 36.31
N GLY A 445 -2.78 -4.30 35.48
CA GLY A 445 -1.55 -3.59 35.78
C GLY A 445 -0.34 -4.22 35.11
N ALA A 446 -0.55 -5.30 34.37
CA ALA A 446 0.49 -5.84 33.53
C ALA A 446 -0.13 -6.54 32.36
N ASN A 447 0.71 -6.95 31.41
CA ASN A 447 0.28 -7.79 30.32
C ASN A 447 -0.42 -9.02 30.88
N SER A 448 -1.43 -9.49 30.16
CA SER A 448 -2.05 -10.78 30.45
C SER A 448 -1.84 -11.64 29.21
N THR A 449 -1.91 -12.96 29.39
CA THR A 449 -1.72 -13.87 28.27
C THR A 449 -2.79 -14.96 28.22
N LEU A 450 -3.04 -15.45 27.02
CA LEU A 450 -3.91 -16.60 26.79
C LEU A 450 -3.38 -17.43 25.67
N ASN A 451 -3.70 -18.71 25.72
CA ASN A 451 -3.26 -19.62 24.68
C ASN A 451 -4.31 -19.80 23.60
N LEU A 452 -3.86 -19.72 22.35
CA LEU A 452 -4.74 -19.74 21.19
C LEU A 452 -4.71 -21.10 20.53
N TYR A 453 -5.90 -21.68 20.38
CA TYR A 453 -6.04 -22.98 19.74
C TYR A 453 -7.02 -22.80 18.59
N VAL A 454 -6.67 -23.37 17.45
CA VAL A 454 -7.52 -23.37 16.27
C VAL A 454 -7.77 -24.85 15.94
N ASP A 455 -9.03 -25.26 15.85
CA ASP A 455 -9.36 -26.67 15.61
C ASP A 455 -8.58 -27.62 16.51
N GLY A 456 -8.53 -27.30 17.80
CA GLY A 456 -7.95 -28.18 18.80
C GLY A 456 -6.44 -28.15 18.98
N ASN A 457 -5.72 -27.47 18.09
CA ASN A 457 -4.25 -27.39 18.17
C ASN A 457 -3.74 -26.00 18.65
N PHE A 458 -2.77 -26.02 19.57
CA PHE A 458 -2.13 -24.80 20.06
C PHE A 458 -1.43 -24.11 18.92
N VAL A 459 -1.69 -22.81 18.76
CA VAL A 459 -1.08 -22.02 17.69
C VAL A 459 -0.04 -21.02 18.21
N GLN A 460 -0.40 -20.30 19.26
CA GLN A 460 0.47 -19.27 19.79
C GLN A 460 -0.03 -18.85 21.15
N LYS A 461 0.89 -18.45 22.01
CA LYS A 461 0.50 -17.68 23.18
C LYS A 461 0.32 -16.20 22.76
N LEU A 462 -0.79 -15.60 23.17
CA LEU A 462 -1.12 -14.22 22.81
C LEU A 462 -1.03 -13.29 24.00
N TYR A 463 -0.58 -12.06 23.76
CA TYR A 463 -0.43 -11.05 24.80
C TYR A 463 -1.52 -10.01 24.71
N PHE A 464 -2.08 -9.67 25.86
CA PHE A 464 -3.14 -8.69 25.98
C PHE A 464 -2.61 -7.56 26.85
N PHE A 465 -2.42 -6.37 26.26
CA PHE A 465 -1.70 -5.28 26.91
C PHE A 465 -2.53 -4.62 28.00
N ASN A 466 -1.86 -4.19 29.07
CA ASN A 466 -2.54 -3.47 30.14
C ASN A 466 -3.05 -2.12 29.64
N GLN A 467 -4.28 -1.78 30.00
CA GLN A 467 -4.92 -0.52 29.65
C GLN A 467 -5.09 0.27 30.96
N SER A 468 -5.67 1.46 30.87
CA SER A 468 -5.74 2.39 32.00
C SER A 468 -7.06 2.35 32.80
N SER A 469 -8.08 1.72 32.23
CA SER A 469 -9.28 1.37 32.98
C SER A 469 -9.89 0.10 32.37
N TRP A 470 -10.89 -0.46 33.05
CA TRP A 470 -11.55 -1.66 32.53
C TRP A 470 -12.57 -1.28 31.47
N GLY A 471 -12.90 0.01 31.36
CA GLY A 471 -13.77 0.53 30.31
C GLY A 471 -13.03 0.91 29.04
N THR A 472 -11.75 0.53 28.96
CA THR A 472 -10.90 0.85 27.82
C THR A 472 -10.64 -0.39 26.93
N TRP A 473 -11.42 -0.53 25.86
CA TRP A 473 -11.32 -1.68 24.97
C TRP A 473 -10.28 -1.48 23.87
N LYS A 474 -9.47 -2.51 23.61
CA LYS A 474 -8.53 -2.53 22.48
C LYS A 474 -8.72 -3.77 21.65
N HIS A 475 -8.13 -3.77 20.45
CA HIS A 475 -8.25 -4.90 19.56
C HIS A 475 -6.95 -5.19 18.84
N ASP A 476 -5.86 -4.98 19.58
CA ASP A 476 -4.51 -5.20 19.09
C ASP A 476 -3.92 -6.55 19.52
N ALA A 477 -4.77 -7.49 19.91
CA ALA A 477 -4.36 -8.89 20.13
C ALA A 477 -4.85 -9.71 18.93
N TRP A 478 -3.94 -10.23 18.13
CA TRP A 478 -4.33 -10.86 16.86
C TRP A 478 -3.31 -11.91 16.49
N TYR A 479 -3.71 -12.80 15.58
CA TYR A 479 -2.80 -13.78 15.00
C TYR A 479 -3.41 -14.25 13.70
N GLN A 480 -2.58 -14.39 12.69
CA GLN A 480 -3.08 -14.75 11.36
C GLN A 480 -2.76 -16.21 11.12
N VAL A 481 -3.75 -16.95 10.63
CA VAL A 481 -3.59 -18.37 10.36
C VAL A 481 -4.21 -18.75 9.02
N PRO A 482 -3.68 -19.80 8.40
CA PRO A 482 -4.33 -20.37 7.22
C PRO A 482 -5.53 -21.26 7.60
N LEU A 483 -6.66 -21.08 6.94
CA LEU A 483 -7.81 -21.93 7.14
C LEU A 483 -8.35 -22.46 5.81
N THR A 484 -8.79 -23.73 5.83
CA THR A 484 -9.58 -24.30 4.73
C THR A 484 -10.97 -23.68 4.72
N GLN A 485 -11.63 -23.70 3.55
CA GLN A 485 -13.01 -23.25 3.48
C GLN A 485 -13.91 -24.08 4.41
N GLY A 486 -14.87 -23.43 5.06
CA GLY A 486 -15.80 -24.09 5.99
C GLY A 486 -15.57 -23.80 7.48
N ALA A 487 -16.04 -24.74 8.31
CA ALA A 487 -16.19 -24.56 9.74
C ALA A 487 -14.87 -24.75 10.47
N HIS A 488 -14.66 -23.93 11.49
CA HIS A 488 -13.51 -24.11 12.35
C HIS A 488 -13.84 -23.68 13.76
N THR A 489 -12.97 -24.07 14.67
CA THR A 489 -13.06 -23.70 16.06
C THR A 489 -11.86 -22.81 16.39
N VAL A 490 -12.13 -21.65 16.99
CA VAL A 490 -11.07 -20.80 17.51
C VAL A 490 -11.26 -20.64 19.00
N GLU A 491 -10.19 -20.97 19.72
CA GLU A 491 -10.30 -21.14 21.15
C GLU A 491 -9.17 -20.41 21.88
N LEU A 492 -9.55 -19.64 22.89
CA LEU A 492 -8.58 -19.08 23.83
C LEU A 492 -8.67 -19.84 25.14
N ARG A 493 -7.53 -20.29 25.66
CA ARG A 493 -7.49 -21.02 26.96
C ARG A 493 -6.53 -20.42 27.97
N TYR A 494 -7.03 -20.22 29.19
CA TYR A 494 -6.19 -19.86 30.31
C TYR A 494 -5.61 -21.15 30.85
N GLU A 495 -4.34 -21.38 30.59
CA GLU A 495 -3.68 -22.61 31.00
C GLU A 495 -2.55 -22.30 31.99
N SER A 496 -1.85 -23.36 32.37
CA SER A 496 -0.69 -23.24 33.21
C SER A 496 0.33 -22.41 32.48
N GLY A 497 0.89 -21.41 33.15
CA GLY A 497 1.90 -20.55 32.52
C GLY A 497 1.36 -19.28 31.88
N ASN A 498 0.04 -19.15 31.77
CA ASN A 498 -0.57 -17.87 31.40
C ASN A 498 -0.67 -17.01 32.63
N VAL A 499 -0.69 -15.69 32.43
CA VAL A 499 -0.75 -14.74 33.53
C VAL A 499 -1.85 -13.69 33.32
N GLY A 500 -2.25 -13.09 34.43
CA GLY A 500 -3.18 -11.98 34.39
C GLY A 500 -4.61 -12.39 34.19
N ALA A 501 -5.34 -11.51 33.52
CA ALA A 501 -6.75 -11.66 33.30
C ALA A 501 -7.13 -10.73 32.17
N VAL A 502 -8.22 -11.05 31.49
CA VAL A 502 -8.80 -10.16 30.48
C VAL A 502 -10.31 -10.24 30.54
N ASN A 503 -10.95 -9.20 30.03
CA ASN A 503 -12.34 -9.26 29.60
C ASN A 503 -12.30 -9.44 28.09
N LEU A 504 -13.19 -10.25 27.55
CA LEU A 504 -13.16 -10.57 26.13
C LEU A 504 -14.49 -10.20 25.51
N ASP A 505 -14.43 -9.29 24.56
CA ASP A 505 -15.63 -8.75 23.96
C ASP A 505 -16.06 -9.56 22.75
N SER A 506 -15.09 -9.95 21.93
CA SER A 506 -15.39 -10.53 20.65
C SER A 506 -14.14 -11.01 19.93
N LEU A 507 -14.36 -11.84 18.92
CA LEU A 507 -13.39 -12.23 17.95
C LEU A 507 -13.85 -11.66 16.61
N THR A 508 -12.92 -11.17 15.82
CA THR A 508 -13.26 -10.60 14.52
C THR A 508 -12.32 -11.19 13.49
N LEU A 509 -12.84 -11.49 12.30
CA LEU A 509 -11.99 -11.96 11.21
C LEU A 509 -11.52 -10.68 10.51
N GLY A 510 -10.34 -10.22 10.92
CA GLY A 510 -9.88 -8.91 10.54
C GLY A 510 -9.74 -8.82 9.04
N THR A 511 -10.49 -7.90 8.44
CA THR A 511 -10.66 -7.84 6.99
C THR A 511 -10.66 -6.39 6.52
N PHE A 512 -9.77 -6.05 5.57
CA PHE A 512 -9.84 -4.74 4.93
C PHE A 512 -11.18 -4.57 4.27
N ASP A 513 -11.78 -3.39 4.48
CA ASP A 513 -13.05 -3.05 3.85
C ASP A 513 -12.83 -2.67 2.37
N GLU A 514 -13.26 -3.58 1.49
CA GLU A 514 -13.20 -3.43 0.04
C GLU A 514 -13.66 -2.06 -0.45
N HIS A 515 -14.77 -1.60 0.07
CA HIS A 515 -15.35 -0.36 -0.39
C HIS A 515 -14.47 0.86 -0.13
N SER A 516 -13.98 0.99 1.11
CA SER A 516 -13.14 2.14 1.49
C SER A 516 -11.81 2.12 0.76
N VAL A 517 -11.29 0.92 0.61
CA VAL A 517 -10.00 0.73 -0.04
C VAL A 517 -10.06 1.13 -1.51
N ARG A 518 -11.14 0.80 -2.20
CA ARG A 518 -11.30 1.21 -3.59
C ARG A 518 -11.46 2.72 -3.72
N LEU A 519 -12.30 3.31 -2.89
CA LEU A 519 -12.46 4.76 -2.90
C LEU A 519 -11.14 5.52 -2.60
N ALA A 520 -10.44 5.10 -1.56
CA ALA A 520 -9.18 5.74 -1.20
C ALA A 520 -8.16 5.65 -2.33
N ASP A 521 -8.03 4.47 -2.92
CA ASP A 521 -7.08 4.29 -4.01
C ASP A 521 -7.47 5.11 -5.25
N ALA A 522 -8.76 5.20 -5.53
CA ALA A 522 -9.25 6.01 -6.65
C ALA A 522 -8.87 7.45 -6.41
N MET A 523 -9.24 7.95 -5.24
CA MET A 523 -8.89 9.30 -4.82
C MET A 523 -7.43 9.59 -4.98
N MET A 524 -6.58 8.68 -4.51
CA MET A 524 -5.14 8.95 -4.52
C MET A 524 -4.61 9.00 -5.95
N SER A 525 -5.05 8.04 -6.75
CA SER A 525 -4.50 7.95 -8.09
C SER A 525 -5.05 9.07 -8.98
N ALA A 526 -6.34 9.37 -8.86
CA ALA A 526 -6.90 10.55 -9.52
C ALA A 526 -6.23 11.87 -9.12
N SER A 527 -5.74 11.97 -7.88
CA SER A 527 -5.03 13.15 -7.42
C SER A 527 -3.58 13.21 -7.90
N GLY A 528 -3.04 12.07 -8.34
CA GLY A 528 -1.67 12.00 -8.84
C GLY A 528 -0.66 11.27 -7.97
N ALA A 529 -1.12 10.34 -7.14
CA ALA A 529 -0.19 9.55 -6.31
C ALA A 529 -0.49 8.07 -6.39
N THR A 530 0.50 7.28 -6.01
CA THR A 530 0.26 5.89 -5.69
C THR A 530 0.40 5.66 -4.18
N HIS A 531 0.30 4.39 -3.80
CA HIS A 531 -0.03 3.98 -2.45
C HIS A 531 0.75 2.72 -2.18
N ILE A 532 1.66 2.77 -1.21
CA ILE A 532 2.29 1.56 -0.75
C ILE A 532 1.32 0.80 0.15
N GLU A 533 0.90 -0.38 -0.31
CA GLU A 533 -0.11 -1.14 0.39
C GLU A 533 -0.08 -2.66 0.23
N LEU A 534 0.80 -3.19 -0.62
CA LEU A 534 0.83 -4.62 -0.86
C LEU A 534 2.25 -5.09 -0.66
N GLY A 535 2.41 -6.28 -0.10
CA GLY A 535 3.74 -6.80 0.16
C GLY A 535 3.75 -8.23 0.66
N ASP A 536 4.96 -8.75 0.85
CA ASP A 536 5.13 -10.14 1.25
C ASP A 536 4.30 -11.08 0.34
N ASP A 537 3.54 -12.02 0.92
CA ASP A 537 2.84 -13.04 0.15
C ASP A 537 1.39 -12.61 0.03
N ASN A 538 1.18 -11.60 -0.80
CA ASN A 538 -0.13 -11.03 -1.05
C ASN A 538 -0.84 -10.45 0.17
N GLN A 539 -0.06 -9.85 1.07
CA GLN A 539 -0.60 -9.12 2.21
C GLN A 539 -0.87 -7.67 1.84
N MET A 540 -1.85 -7.07 2.50
CA MET A 540 -2.08 -5.64 2.45
C MET A 540 -1.67 -5.08 3.81
N LEU A 541 -1.15 -3.86 3.81
CA LEU A 541 -0.47 -3.22 4.91
C LEU A 541 -1.44 -2.62 5.94
N PRO A 542 -1.46 -3.18 7.16
CA PRO A 542 -2.51 -2.69 8.10
C PRO A 542 -2.06 -1.59 9.08
N HIS A 543 -0.76 -1.38 9.14
CA HIS A 543 -0.12 -0.71 10.27
C HIS A 543 1.26 -0.29 9.81
N GLU A 544 1.87 0.65 10.52
CA GLU A 544 3.23 1.13 10.20
C GLU A 544 4.33 0.11 10.44
N TYR A 545 4.07 -0.86 11.33
CA TYR A 545 4.95 -2.01 11.54
C TYR A 545 4.56 -3.08 10.48
N TYR A 546 5.37 -3.19 9.42
CA TYR A 546 4.94 -3.90 8.21
C TYR A 546 4.65 -5.40 8.42
N PRO A 547 5.37 -6.09 9.35
CA PRO A 547 5.00 -7.50 9.61
C PRO A 547 3.66 -7.73 10.28
N ASN A 548 2.96 -6.65 10.64
CA ASN A 548 1.60 -6.73 11.20
C ASN A 548 0.61 -7.33 10.22
N ARG A 549 -0.11 -8.36 10.65
CA ARG A 549 -1.08 -9.05 9.82
C ARG A 549 -2.42 -9.09 10.56
N SER A 550 -2.78 -7.97 11.18
CA SER A 550 -4.03 -7.84 11.91
C SER A 550 -5.24 -7.71 10.99
N LYS A 551 -5.02 -7.48 9.68
CA LYS A 551 -6.11 -7.56 8.69
C LYS A 551 -5.64 -8.30 7.44
N THR A 552 -6.59 -8.88 6.73
CA THR A 552 -6.31 -9.62 5.50
C THR A 552 -7.27 -9.20 4.41
N MET A 553 -6.82 -9.23 3.16
CA MET A 553 -7.71 -9.03 2.03
C MET A 553 -8.37 -10.36 1.67
N ARG A 554 -9.68 -10.34 1.51
CA ARG A 554 -10.38 -11.49 0.92
C ARG A 554 -10.33 -11.40 -0.61
N SER A 555 -10.72 -12.49 -1.27
CA SER A 555 -10.55 -12.64 -2.73
C SER A 555 -11.20 -11.52 -3.54
N SER A 556 -12.35 -11.06 -3.10
CA SER A 556 -13.07 -10.00 -3.79
C SER A 556 -12.28 -8.69 -3.84
N LEU A 557 -11.47 -8.43 -2.81
CA LEU A 557 -10.67 -7.22 -2.77
C LEU A 557 -9.40 -7.44 -3.55
N LYS A 558 -8.86 -8.66 -3.49
CA LYS A 558 -7.69 -8.97 -4.30
C LYS A 558 -7.97 -8.74 -5.80
N ASN A 559 -9.15 -9.15 -6.27
CA ASN A 559 -9.52 -8.87 -7.67
C ASN A 559 -9.66 -7.38 -7.97
N ALA A 560 -10.28 -6.64 -7.07
CA ALA A 560 -10.44 -5.20 -7.27
C ALA A 560 -9.07 -4.53 -7.32
N MET A 561 -8.11 -5.04 -6.54
CA MET A 561 -6.74 -4.52 -6.54
C MET A 561 -5.99 -4.85 -7.82
N LYS A 562 -6.22 -6.02 -8.38
CA LYS A 562 -5.61 -6.41 -9.68
C LYS A 562 -6.09 -5.45 -10.76
N ASP A 563 -7.40 -5.25 -10.78
CA ASP A 563 -8.00 -4.26 -11.68
C ASP A 563 -7.44 -2.86 -11.46
N HIS A 564 -7.30 -2.44 -10.20
CA HIS A 564 -6.83 -1.08 -9.89
C HIS A 564 -5.41 -0.90 -10.35
N TYR A 565 -4.59 -1.90 -10.09
CA TYR A 565 -3.19 -1.83 -10.45
C TYR A 565 -2.98 -1.97 -11.97
N ASN A 566 -3.80 -2.79 -12.62
CA ASN A 566 -3.88 -2.80 -14.08
C ASN A 566 -4.24 -1.42 -14.60
N PHE A 567 -5.23 -0.81 -13.98
CA PHE A 567 -5.67 0.53 -14.38
C PHE A 567 -4.61 1.62 -14.20
N ILE A 568 -3.89 1.63 -13.09
CA ILE A 568 -2.93 2.72 -12.89
C ILE A 568 -1.62 2.49 -13.63
N THR A 569 -1.42 1.27 -14.10
CA THR A 569 -0.32 1.01 -15.00
C THR A 569 -0.73 1.44 -16.43
N ALA A 570 -1.81 0.88 -16.96
CA ALA A 570 -2.32 1.19 -18.32
C ALA A 570 -2.50 2.67 -18.61
N TYR A 571 -3.06 3.41 -17.65
CA TYR A 571 -3.27 4.83 -17.75
C TYR A 571 -2.27 5.73 -16.97
N GLU A 572 -1.08 5.20 -16.71
CA GLU A 572 -0.10 5.97 -15.94
C GLU A 572 0.19 7.32 -16.60
N ASN A 573 0.17 7.38 -17.94
CA ASN A 573 0.42 8.63 -18.69
C ASN A 573 -0.63 9.67 -18.42
N LEU A 574 -1.85 9.24 -18.17
CA LEU A 574 -2.92 10.18 -17.84
C LEU A 574 -3.02 10.52 -16.36
N LEU A 575 -2.32 9.78 -15.50
CA LEU A 575 -2.45 9.98 -14.06
C LEU A 575 -1.21 10.63 -13.47
N PHE A 576 -0.03 10.24 -13.96
CA PHE A 576 1.22 10.52 -13.25
C PHE A 576 2.29 11.26 -14.05
N ASP A 577 2.11 11.42 -15.34
CA ASP A 577 3.11 12.08 -16.17
C ASP A 577 3.38 13.49 -15.65
N SER A 578 4.59 14.00 -15.89
CA SER A 578 4.92 15.39 -15.54
C SER A 578 4.00 16.41 -16.24
N ASP A 579 3.47 16.04 -17.41
CA ASP A 579 2.34 16.69 -18.11
C ASP A 579 1.11 16.98 -17.25
N VAL A 580 0.79 16.04 -16.36
CA VAL A 580 -0.54 15.98 -15.74
C VAL A 580 -0.66 16.99 -14.61
N VAL A 581 -1.57 17.93 -14.77
CA VAL A 581 -1.70 19.03 -13.84
C VAL A 581 -3.16 19.31 -13.53
N PRO A 582 -3.41 19.96 -12.38
CA PRO A 582 -4.80 20.27 -12.02
C PRO A 582 -5.40 21.26 -13.00
N ASN A 583 -6.68 21.15 -13.26
CA ASN A 583 -7.35 22.07 -14.17
C ASN A 583 -8.29 22.92 -13.34
N ASP A 584 -7.71 23.75 -12.47
CA ASP A 584 -8.43 24.32 -11.33
C ASP A 584 -8.87 25.79 -11.42
N THR A 585 -8.55 26.48 -12.51
CA THR A 585 -8.97 27.88 -12.68
C THR A 585 -9.89 28.07 -13.89
N GLY A 586 -10.93 28.88 -13.72
CA GLY A 586 -11.96 29.08 -14.74
C GLY A 586 -13.38 28.78 -14.30
N SER A 587 -13.57 28.46 -13.01
CA SER A 587 -14.88 28.12 -12.46
C SER A 587 -15.48 26.85 -13.09
N GLN A 588 -14.59 25.95 -13.53
CA GLN A 588 -14.98 24.74 -14.31
C GLN A 588 -15.93 23.84 -13.53
N PHE A 589 -16.86 23.22 -14.24
CA PHE A 589 -18.06 22.70 -13.62
C PHE A 589 -18.57 21.44 -14.31
N VAL A 590 -19.17 20.57 -13.51
CA VAL A 590 -19.76 19.33 -13.98
C VAL A 590 -21.19 19.26 -13.45
N ASN A 591 -22.11 18.93 -14.33
CA ASN A 591 -23.48 18.79 -13.92
C ASN A 591 -23.91 17.35 -14.15
N LEU A 592 -24.55 16.75 -13.15
CA LEU A 592 -25.06 15.40 -13.29
C LEU A 592 -26.54 15.41 -12.98
N THR A 593 -27.35 14.89 -13.88
CA THR A 593 -28.80 14.84 -13.64
C THR A 593 -29.19 13.70 -12.72
N GLY A 594 -29.86 14.03 -11.63
CA GLY A 594 -30.43 13.03 -10.76
C GLY A 594 -29.58 12.74 -9.54
N VAL A 595 -28.30 13.10 -9.59
CA VAL A 595 -27.42 12.92 -8.42
C VAL A 595 -26.78 14.24 -8.00
N SER A 596 -26.55 14.37 -6.69
CA SER A 596 -25.73 15.46 -6.15
C SER A 596 -24.29 15.33 -6.61
N ALA A 597 -23.71 16.42 -7.10
CA ALA A 597 -22.28 16.45 -7.46
C ALA A 597 -21.52 17.42 -6.55
N SER A 598 -20.19 17.26 -6.47
CA SER A 598 -19.37 18.24 -5.73
C SER A 598 -17.95 18.25 -6.27
N GLY A 599 -17.33 19.42 -6.18
CA GLY A 599 -15.97 19.63 -6.67
C GLY A 599 -14.94 19.50 -5.58
N ASP A 600 -15.37 19.21 -4.36
CA ASP A 600 -14.50 19.18 -3.18
C ASP A 600 -14.71 17.92 -2.31
N GLY A 601 -15.16 16.83 -2.91
CA GLY A 601 -15.21 15.55 -2.20
C GLY A 601 -16.14 15.56 -1.00
N SER A 602 -17.33 16.13 -1.19
CA SER A 602 -18.32 16.17 -0.12
C SER A 602 -19.03 14.84 0.03
N ALA A 603 -19.49 14.60 1.26
CA ALA A 603 -20.25 13.41 1.57
C ALA A 603 -21.49 13.28 0.69
N ASN A 604 -21.77 12.04 0.29
CA ASN A 604 -23.00 11.68 -0.40
C ASN A 604 -23.15 12.41 -1.74
N THR A 605 -22.03 12.56 -2.44
CA THR A 605 -22.03 13.17 -3.76
C THR A 605 -21.17 12.37 -4.69
N VAL A 606 -21.30 12.66 -5.98
CA VAL A 606 -20.32 12.24 -6.96
C VAL A 606 -19.32 13.37 -7.05
N TRP A 607 -18.08 13.05 -6.71
CA TRP A 607 -17.00 14.00 -6.72
C TRP A 607 -16.41 14.06 -8.11
N TYR A 608 -16.22 15.27 -8.62
CA TYR A 608 -15.49 15.45 -9.86
C TYR A 608 -14.18 16.15 -9.57
N ILE A 609 -13.14 15.69 -10.24
CA ILE A 609 -11.81 16.22 -10.11
C ILE A 609 -11.32 16.52 -11.51
N ASN A 610 -10.84 17.74 -11.69
CA ASN A 610 -10.49 18.23 -13.01
C ASN A 610 -9.01 18.29 -13.20
N LYS A 611 -8.54 17.58 -14.21
CA LYS A 611 -7.13 17.54 -14.52
C LYS A 611 -6.96 17.71 -16.03
N ARG A 612 -5.72 17.96 -16.45
CA ARG A 612 -5.42 18.00 -17.88
C ARG A 612 -3.95 17.79 -18.20
N THR A 613 -3.72 17.41 -19.46
CA THR A 613 -2.40 17.37 -20.06
C THR A 613 -2.50 18.23 -21.30
N SER A 614 -1.41 18.37 -22.05
CA SER A 614 -1.47 19.14 -23.31
C SER A 614 -2.49 18.59 -24.34
N ASP A 615 -2.79 17.29 -24.29
CA ASP A 615 -3.68 16.64 -25.28
C ASP A 615 -5.10 16.32 -24.81
N TYR A 616 -5.29 16.16 -23.50
CA TYR A 616 -6.61 15.72 -22.98
C TYR A 616 -7.15 16.58 -21.84
N ASN A 617 -8.47 16.81 -21.89
CA ASN A 617 -9.23 17.28 -20.76
C ASN A 617 -9.72 16.07 -19.98
N ILE A 618 -9.35 15.98 -18.72
CA ILE A 618 -9.61 14.76 -17.93
C ILE A 618 -10.51 15.05 -16.75
N VAL A 619 -11.55 14.26 -16.59
CA VAL A 619 -12.44 14.39 -15.47
C VAL A 619 -12.62 13.08 -14.76
N HIS A 620 -12.28 13.07 -13.49
CA HIS A 620 -12.48 11.91 -12.65
C HIS A 620 -13.78 12.05 -11.91
N LEU A 621 -14.54 10.97 -11.88
CA LEU A 621 -15.73 10.90 -11.07
C LEU A 621 -15.49 9.87 -10.02
N ILE A 622 -15.58 10.29 -8.76
CA ILE A 622 -15.43 9.37 -7.64
C ILE A 622 -16.74 9.35 -6.89
N ASN A 623 -17.27 8.16 -6.67
CA ASN A 623 -18.64 8.02 -6.21
C ASN A 623 -18.72 7.90 -4.70
N LEU A 624 -18.93 9.04 -4.06
CA LEU A 624 -19.17 9.05 -2.60
C LEU A 624 -20.66 9.06 -2.26
N LEU A 625 -21.51 8.74 -3.23
CA LEU A 625 -22.94 8.60 -2.91
C LEU A 625 -23.09 7.53 -1.84
N GLY A 626 -23.73 7.92 -0.73
CA GLY A 626 -23.96 7.04 0.42
C GLY A 626 -22.83 6.90 1.42
N ASN A 627 -21.82 7.76 1.35
CA ASN A 627 -20.64 7.63 2.22
C ASN A 627 -20.12 8.98 2.66
N ASP A 628 -19.35 8.99 3.75
CA ASP A 628 -18.84 10.21 4.35
C ASP A 628 -17.60 10.68 3.60
N ASN A 629 -16.94 11.71 4.11
CA ASN A 629 -15.86 12.35 3.36
C ASN A 629 -14.46 11.99 3.87
N GLN A 630 -14.38 10.93 4.67
CA GLN A 630 -13.14 10.50 5.33
C GLN A 630 -12.59 9.30 4.56
N TRP A 631 -11.29 9.32 4.28
CA TRP A 631 -10.70 8.34 3.35
C TRP A 631 -10.27 7.05 4.03
N ARG A 632 -9.91 7.10 5.32
CA ARG A 632 -9.27 5.95 5.98
C ARG A 632 -10.25 4.88 6.55
N ASN A 633 -11.41 5.34 7.03
CA ASN A 633 -12.34 4.47 7.75
C ASN A 633 -13.16 3.58 6.83
N THR A 634 -13.86 2.62 7.41
CA THR A 634 -14.67 1.70 6.63
C THR A 634 -15.83 2.44 6.00
N ALA A 635 -16.37 1.86 4.93
CA ALA A 635 -17.39 2.48 4.12
C ALA A 635 -18.39 1.44 3.64
N SER A 636 -19.55 1.91 3.20
CA SER A 636 -20.60 1.09 2.61
C SER A 636 -20.44 1.01 1.11
N GLN A 637 -21.12 0.06 0.47
CA GLN A 637 -21.10 0.03 -0.99
C GLN A 637 -21.69 1.34 -1.52
N PRO A 638 -20.99 2.00 -2.45
CA PRO A 638 -21.57 3.21 -3.04
C PRO A 638 -22.91 2.91 -3.75
N SER A 639 -23.79 3.90 -3.83
CA SER A 639 -25.01 3.75 -4.63
C SER A 639 -24.59 3.79 -6.09
N PHE A 640 -24.51 2.62 -6.71
CA PHE A 640 -24.07 2.54 -8.09
C PHE A 640 -25.11 3.19 -9.00
N GLN A 641 -24.65 3.76 -10.11
CA GLN A 641 -25.52 4.49 -11.02
C GLN A 641 -25.41 3.90 -12.42
N THR A 642 -26.50 4.01 -13.17
CA THR A 642 -26.54 3.59 -14.56
C THR A 642 -27.16 4.69 -15.42
N ASN A 643 -26.63 4.88 -16.63
CA ASN A 643 -27.16 5.86 -17.60
C ASN A 643 -27.31 7.26 -16.99
N LEU A 644 -26.21 7.69 -16.40
CA LEU A 644 -26.16 8.96 -15.70
C LEU A 644 -25.90 10.06 -16.72
N PRO A 645 -26.83 11.02 -16.85
CA PRO A 645 -26.53 12.09 -17.81
C PRO A 645 -25.57 13.11 -17.20
N ALA A 646 -24.53 13.45 -17.96
CA ALA A 646 -23.51 14.39 -17.52
C ALA A 646 -23.29 15.51 -18.53
N LYS A 647 -22.94 16.70 -18.04
CA LYS A 647 -22.38 17.75 -18.90
C LYS A 647 -21.26 18.57 -18.24
N ILE A 648 -20.13 18.60 -18.95
CA ILE A 648 -18.87 19.16 -18.47
C ILE A 648 -18.65 20.48 -19.17
N TYR A 649 -18.42 21.53 -18.38
CA TYR A 649 -18.09 22.82 -18.95
C TYR A 649 -16.60 22.90 -19.20
N ILE A 650 -16.24 23.71 -20.19
CA ILE A 650 -14.87 23.83 -20.67
C ILE A 650 -14.62 25.27 -21.07
N GLY A 651 -13.37 25.72 -20.96
CA GLY A 651 -13.00 27.04 -21.43
C GLY A 651 -13.36 27.17 -22.90
N ALA A 652 -13.93 28.32 -23.30
CA ALA A 652 -14.27 28.56 -24.71
C ALA A 652 -13.05 28.33 -25.62
N ASP A 653 -11.87 28.43 -25.02
CA ASP A 653 -10.58 28.03 -25.62
C ASP A 653 -10.56 26.59 -26.23
N GLU A 654 -11.36 25.67 -25.69
CA GLU A 654 -11.22 24.22 -25.99
C GLU A 654 -12.23 23.65 -26.97
N THR A 655 -11.77 22.78 -27.86
CA THR A 655 -12.64 21.99 -28.72
C THR A 655 -12.31 20.50 -28.62
N ILE A 656 -13.35 19.69 -28.43
CA ILE A 656 -13.21 18.30 -28.05
C ILE A 656 -13.58 17.37 -29.19
N SER A 657 -12.57 16.62 -29.62
CA SER A 657 -12.68 15.73 -30.76
C SER A 657 -13.37 14.42 -30.37
N ASP A 658 -13.04 13.88 -29.19
CA ASP A 658 -13.56 12.56 -28.74
C ASP A 658 -13.78 12.46 -27.22
N VAL A 659 -14.76 11.69 -26.80
CA VAL A 659 -14.97 11.41 -25.37
C VAL A 659 -14.70 9.94 -25.03
N TYR A 660 -13.79 9.71 -24.09
CA TYR A 660 -13.42 8.37 -23.63
C TYR A 660 -13.58 8.22 -22.12
N LEU A 661 -14.10 7.07 -21.71
CA LEU A 661 -14.31 6.74 -20.31
C LEU A 661 -13.67 5.38 -20.05
N ALA A 662 -12.83 5.31 -19.03
CA ALA A 662 -12.24 4.05 -18.58
C ALA A 662 -12.41 3.97 -17.07
N SER A 663 -12.66 2.76 -16.57
CA SER A 663 -12.75 2.54 -15.14
C SER A 663 -12.26 1.15 -14.77
N PRO A 664 -11.52 1.06 -13.65
CA PRO A 664 -11.10 -0.27 -13.21
C PRO A 664 -12.31 -1.09 -12.83
N ASP A 665 -13.44 -0.43 -12.58
CA ASP A 665 -14.69 -1.11 -12.19
C ASP A 665 -15.43 -1.77 -13.38
N LEU A 666 -15.10 -1.36 -14.61
CA LEU A 666 -15.90 -1.74 -15.78
C LEU A 666 -15.03 -2.42 -16.83
N SER A 667 -15.30 -3.70 -17.08
CA SER A 667 -14.61 -4.46 -18.11
C SER A 667 -13.11 -4.35 -17.95
N GLY A 668 -12.64 -4.46 -16.71
CA GLY A 668 -11.19 -4.50 -16.44
C GLY A 668 -10.38 -3.25 -16.71
N GLY A 669 -11.04 -2.10 -16.88
CA GLY A 669 -10.35 -0.86 -17.22
C GLY A 669 -10.32 -0.46 -18.70
N GLU A 670 -10.99 -1.22 -19.54
CA GLU A 670 -10.92 -1.00 -21.00
C GLU A 670 -11.66 0.27 -21.36
N THR A 671 -11.04 1.07 -22.22
CA THR A 671 -11.64 2.34 -22.61
C THR A 671 -12.91 2.14 -23.45
N GLN A 672 -13.97 2.87 -23.14
CA GLN A 672 -15.13 2.93 -24.01
C GLN A 672 -15.19 4.33 -24.60
N GLU A 673 -15.49 4.43 -25.89
CA GLU A 673 -15.70 5.74 -26.52
C GLU A 673 -17.17 6.09 -26.39
N LEU A 674 -17.46 7.33 -26.01
CA LEU A 674 -18.85 7.76 -25.82
C LEU A 674 -19.26 8.77 -26.88
N ALA A 675 -20.49 8.66 -27.34
CA ALA A 675 -21.05 9.65 -28.24
C ALA A 675 -21.39 10.85 -27.37
N PHE A 676 -21.19 12.04 -27.92
CA PHE A 676 -21.41 13.28 -27.18
C PHE A 676 -21.82 14.41 -28.11
N THR A 677 -22.44 15.41 -27.53
CA THR A 677 -22.79 16.63 -28.26
C THR A 677 -22.19 17.84 -27.56
N SER A 678 -21.88 18.88 -28.34
CA SER A 678 -21.44 20.17 -27.80
C SER A 678 -22.61 21.15 -27.80
N GLY A 679 -22.45 22.21 -27.03
CA GLY A 679 -23.44 23.28 -26.99
C GLY A 679 -22.96 24.46 -26.18
N THR A 680 -23.78 25.52 -26.13
CA THR A 680 -23.48 26.69 -25.32
C THR A 680 -24.74 27.23 -24.69
N ASP A 681 -24.60 27.85 -23.51
CA ASP A 681 -25.72 28.52 -22.83
C ASP A 681 -25.20 29.50 -21.76
N ALA A 682 -26.10 29.90 -20.84
CA ALA A 682 -25.77 30.80 -19.73
C ALA A 682 -24.49 30.41 -18.97
N GLY A 683 -24.31 29.09 -18.78
CA GLY A 683 -23.15 28.55 -18.05
C GLY A 683 -21.82 28.47 -18.79
N GLY A 684 -21.84 28.72 -20.11
CA GLY A 684 -20.62 28.73 -20.94
C GLY A 684 -20.60 27.63 -21.98
N LYS A 685 -19.42 27.34 -22.53
CA LYS A 685 -19.28 26.24 -23.49
C LYS A 685 -19.23 24.88 -22.79
N TYR A 686 -20.06 23.93 -23.23
CA TYR A 686 -20.16 22.62 -22.60
C TYR A 686 -20.07 21.47 -23.59
N VAL A 687 -19.88 20.26 -23.06
CA VAL A 687 -20.05 19.04 -23.82
C VAL A 687 -20.97 18.15 -22.98
N SER A 688 -21.71 17.24 -23.60
CA SER A 688 -22.67 16.43 -22.83
C SER A 688 -22.82 15.00 -23.33
N PHE A 689 -23.01 14.07 -22.39
CA PHE A 689 -23.10 12.65 -22.69
C PHE A 689 -23.79 11.88 -21.57
N THR A 690 -23.99 10.60 -21.81
CA THR A 690 -24.53 9.71 -20.80
C THR A 690 -23.42 8.81 -20.29
N VAL A 691 -23.19 8.80 -18.97
CA VAL A 691 -22.26 7.85 -18.40
C VAL A 691 -23.03 6.54 -18.21
N PRO A 692 -22.56 5.42 -18.81
CA PRO A 692 -23.37 4.21 -18.71
C PRO A 692 -23.36 3.60 -17.32
N GLU A 693 -22.21 3.67 -16.64
CA GLU A 693 -22.09 3.11 -15.29
C GLU A 693 -21.04 3.82 -14.46
N LEU A 694 -21.46 4.22 -13.26
CA LEU A 694 -20.54 4.68 -12.23
C LEU A 694 -20.69 3.80 -11.00
N LYS A 695 -19.61 3.11 -10.63
CA LYS A 695 -19.60 2.29 -9.42
C LYS A 695 -18.74 2.97 -8.35
N TYR A 696 -17.42 2.94 -8.51
CA TYR A 696 -16.51 3.66 -7.61
C TYR A 696 -15.83 4.83 -8.28
N TRP A 697 -15.27 4.60 -9.47
CA TRP A 697 -14.36 5.55 -10.08
C TRP A 697 -14.38 5.44 -11.60
N ASN A 698 -14.75 6.54 -12.27
CA ASN A 698 -14.62 6.65 -13.73
C ASN A 698 -13.65 7.75 -14.10
N MET A 699 -12.71 7.45 -14.99
CA MET A 699 -11.88 8.48 -15.60
C MET A 699 -12.38 8.82 -17.01
N ILE A 700 -12.80 10.07 -17.17
CA ILE A 700 -13.17 10.58 -18.48
C ILE A 700 -11.99 11.34 -19.08
N TYR A 701 -11.47 10.83 -20.18
CA TYR A 701 -10.46 11.59 -20.89
C TYR A 701 -11.00 11.98 -22.25
N MET A 702 -10.89 13.28 -22.54
CA MET A 702 -11.51 13.89 -23.71
C MET A 702 -10.42 14.53 -24.57
N LEU A 703 -10.22 13.97 -25.76
CA LEU A 703 -9.13 14.38 -26.64
C LEU A 703 -9.37 15.75 -27.26
N GLU A 704 -8.35 16.60 -27.19
CA GLU A 704 -8.38 17.93 -27.78
C GLU A 704 -7.37 18.08 -28.91
N HIS A 705 -7.77 17.69 -30.12
CA HIS A 705 -6.99 17.96 -31.35
C HIS A 705 -5.47 17.87 -31.19
C2 BGC B . 7.95 4.24 8.90
C3 BGC B . 7.20 3.15 9.67
C4 BGC B . 7.99 2.62 10.87
C5 BGC B . 8.41 3.85 11.68
C6 BGC B . 9.09 3.54 13.01
C1 BGC B . 8.51 5.30 9.86
O1 BGC B . 9.33 6.22 9.21
O2 BGC B . 7.06 4.82 7.93
O3 BGC B . 6.89 2.10 8.76
O4 BGC B . 7.20 1.69 11.64
O5 BGC B . 9.28 4.66 10.87
O6 BGC B . 10.13 2.61 12.76
C1 GLC B . 10.91 2.32 13.91
C2 GLC B . 12.12 1.59 13.40
C3 GLC B . 11.74 0.26 12.79
C4 GLC B . 10.79 -0.46 13.71
C5 GLC B . 9.62 0.42 14.16
C6 GLC B . 8.79 -0.35 15.18
O2 GLC B . 12.86 2.41 12.53
O3 GLC B . 12.89 -0.54 12.66
O4 GLC B . 10.24 -1.57 13.07
O5 GLC B . 10.18 1.53 14.82
O6 GLC B . 7.53 0.26 15.31
C1 GLC B . 7.04 -0.05 16.63
C2 GLC B . 5.54 0.10 16.69
C3 GLC B . 5.17 1.53 16.28
C4 GLC B . 5.88 2.48 17.20
C5 GLC B . 7.38 2.18 17.30
C6 GLC B . 8.05 3.05 18.38
O2 GLC B . 4.99 -0.88 15.86
O3 GLC B . 3.80 1.72 16.50
O4 GLC B . 5.75 3.81 16.71
O5 GLC B . 7.60 0.82 17.61
O6 GLC B . 7.41 2.78 19.60
C1 GLC B . 7.81 3.71 20.60
C2 GLC B . 6.99 3.38 21.84
C3 GLC B . 5.52 3.71 21.60
C4 GLC B . 5.39 5.16 21.11
C5 GLC B . 6.27 5.37 19.87
C6 GLC B . 6.23 6.81 19.35
O2 GLC B . 7.15 2.01 22.20
O3 GLC B . 4.82 3.51 22.79
O4 GLC B . 4.05 5.50 20.81
O5 GLC B . 7.61 5.07 20.21
O6 GLC B . 6.72 7.66 20.37
C1 GLC B . 7.01 8.99 19.88
C2 GLC B . 7.28 9.92 21.07
C3 GLC B . 5.99 10.30 21.80
C4 GLC B . 4.95 10.83 20.81
C5 GLC B . 4.76 9.84 19.66
C6 GLC B . 3.81 10.33 18.57
O2 GLC B . 8.24 9.31 21.94
O3 GLC B . 6.26 11.31 22.75
O4 GLC B . 3.71 11.05 21.47
O5 GLC B . 5.99 9.51 19.04
O6 GLC B . 3.99 11.70 18.25
C1 GLC B . 5.10 12.00 17.37
C2 GLC B . 5.05 13.48 16.98
C3 GLC B . 3.88 13.77 16.04
C4 GLC B . 3.93 12.82 14.84
C5 GLC B . 4.01 11.40 15.37
C6 GLC B . 4.07 10.38 14.25
O2 GLC B . 4.91 14.26 18.13
O3 GLC B . 3.98 15.11 15.61
O4 GLC B . 2.80 12.96 13.99
O5 GLC B . 5.16 11.24 16.17
O6 GLC B . 3.85 9.13 14.86
C1 GLC B . 3.37 8.17 13.90
C2 GLC B . 2.95 6.90 14.64
C3 GLC B . 4.19 6.30 15.36
C4 GLC B . 5.29 6.09 14.31
C5 GLC B . 5.56 7.37 13.51
C6 GLC B . 6.50 7.12 12.35
O2 GLC B . 1.88 7.25 15.49
O3 GLC B . 3.86 5.07 15.97
O4 GLC B . 6.50 5.58 14.90
O5 GLC B . 4.35 7.83 12.94
O6 GLC B . 5.82 6.23 11.48
C1 GLC C . -15.95 -8.13 41.60
C2 GLC C . -15.31 -9.51 41.73
C3 GLC C . -13.87 -9.44 42.25
C4 GLC C . -13.02 -8.30 41.66
C5 GLC C . -13.81 -7.05 41.27
C6 GLC C . -13.03 -6.29 40.19
O1 GLC C . -16.16 -7.54 42.86
O2 GLC C . -16.07 -10.29 42.62
O3 GLC C . -13.24 -10.66 41.93
O4 GLC C . -12.06 -7.93 42.61
O5 GLC C . -15.13 -7.30 40.80
O6 GLC C . -13.06 -6.96 38.94
C1 GLC C . -12.26 -6.32 37.93
C2 GLC C . -13.09 -5.88 36.72
C3 GLC C . -13.60 -7.10 35.95
C4 GLC C . -12.43 -7.96 35.55
C5 GLC C . -11.70 -8.35 36.84
C6 GLC C . -10.51 -9.27 36.59
O2 GLC C . -14.14 -5.00 37.07
O3 GLC C . -14.34 -6.73 34.80
O4 GLC C . -12.89 -9.10 34.87
O5 GLC C . -11.24 -7.18 37.49
O6 GLC C . -10.28 -9.95 37.80
C1 GLC C . -8.97 -10.58 37.83
C2 GLC C . -8.94 -11.60 38.96
C3 GLC C . -9.07 -10.90 40.32
C4 GLC C . -8.04 -9.79 40.44
C5 GLC C . -7.99 -8.90 39.18
C6 GLC C . -6.77 -8.00 39.23
O2 GLC C . -10.00 -12.50 38.82
O3 GLC C . -8.87 -11.83 41.36
O4 GLC C . -8.40 -9.02 41.56
O5 GLC C . -7.90 -9.69 38.00
O6 GLC C . -5.62 -8.85 39.24
C1 GLC C . -4.44 -8.05 39.42
C2 GLC C . -3.20 -8.89 39.16
C3 GLC C . -3.07 -9.95 40.24
C4 GLC C . -2.97 -9.30 41.62
C5 GLC C . -3.96 -8.16 41.85
C6 GLC C . -3.30 -7.19 42.83
O2 GLC C . -3.23 -9.47 37.88
O3 GLC C . -1.90 -10.71 40.02
O4 GLC C . -3.21 -10.29 42.59
O5 GLC C . -4.36 -7.42 40.71
O6 GLC C . -4.24 -6.27 43.31
CA CA D . -19.44 -8.38 23.01
NA NA E . -15.34 7.04 4.75
S SO4 F . 16.80 -2.50 -15.77
O1 SO4 F . 17.45 -1.59 -14.80
O2 SO4 F . 15.97 -1.64 -16.65
O3 SO4 F . 17.87 -3.17 -16.52
O4 SO4 F . 15.96 -3.53 -15.13
S SO4 G . 7.58 2.35 -32.35
O1 SO4 G . 8.31 1.17 -31.81
O2 SO4 G . 6.11 2.14 -32.25
O3 SO4 G . 7.97 3.56 -31.61
O4 SO4 G . 7.95 2.53 -33.78
S SO4 H . 16.76 -23.59 -0.94
O1 SO4 H . 15.86 -24.61 -0.33
O2 SO4 H . 16.70 -22.31 -0.17
O3 SO4 H . 18.16 -24.09 -0.94
O4 SO4 H . 16.37 -23.35 -2.33
S SO4 I . 25.14 -2.97 -11.16
O1 SO4 I . 25.51 -2.34 -9.89
O2 SO4 I . 23.69 -2.79 -11.39
O3 SO4 I . 25.90 -2.33 -12.27
O4 SO4 I . 25.48 -4.41 -11.11
S SO4 J . -11.98 -0.06 19.41
O1 SO4 J . -11.05 -0.95 20.16
O2 SO4 J . -12.60 0.88 20.38
O3 SO4 J . -11.26 0.71 18.38
O4 SO4 J . -13.01 -0.86 18.69
S SO4 K . -3.64 -15.57 -2.99
O1 SO4 K . -4.37 -16.27 -1.90
O2 SO4 K . -4.60 -14.93 -3.93
O3 SO4 K . -2.76 -14.55 -2.38
O4 SO4 K . -2.83 -16.55 -3.74
S SO4 L . 21.83 -9.63 19.18
O1 SO4 L . 21.23 -8.94 20.34
O2 SO4 L . 21.05 -9.25 17.98
O3 SO4 L . 23.26 -9.25 19.07
O4 SO4 L . 21.75 -11.10 19.37
S SO4 M . -1.36 -13.86 37.75
O1 SO4 M . -1.82 -13.67 39.14
O2 SO4 M . -2.55 -13.94 36.87
O3 SO4 M . -0.52 -12.72 37.34
O4 SO4 M . -0.57 -15.10 37.60
O1 MES N . -8.01 -9.50 -12.12
C2 MES N . -9.39 -9.41 -11.77
C3 MES N . -10.30 -9.57 -12.99
N4 MES N . -9.94 -8.63 -14.05
C5 MES N . -8.48 -8.67 -14.32
C6 MES N . -7.66 -8.47 -13.04
C7 MES N . -10.69 -8.98 -15.29
C8 MES N . -11.44 -7.81 -15.90
S MES N . -12.27 -8.25 -17.30
O1S MES N . -13.70 -8.23 -16.94
O2S MES N . -11.80 -9.52 -17.85
O3S MES N . -12.06 -7.14 -18.25
#